data_1BWT
# 
_entry.id   1BWT 
# 
_audit_conform.dict_name       mmcif_pdbx.dic 
_audit_conform.dict_version    5.392 
_audit_conform.dict_location   http://mmcif.pdb.org/dictionaries/ascii/mmcif_pdbx.dic 
# 
loop_
_database_2.database_id 
_database_2.database_code 
_database_2.pdbx_database_accession 
_database_2.pdbx_DOI 
PDB   1BWT         pdb_00001bwt 10.2210/pdb1bwt/pdb 
RCSB  RCSB008175   ?            ?                   
WWPDB D_1000008175 ?            ?                   
# 
loop_
_pdbx_audit_revision_history.ordinal 
_pdbx_audit_revision_history.data_content_type 
_pdbx_audit_revision_history.major_revision 
_pdbx_audit_revision_history.minor_revision 
_pdbx_audit_revision_history.revision_date 
1 'Structure model' 1 0 1999-01-06 
2 'Structure model' 1 1 2008-04-27 
3 'Structure model' 1 2 2011-07-13 
4 'Structure model' 1 3 2022-02-16 
5 'Structure model' 1 4 2024-05-22 
# 
_pdbx_audit_revision_details.ordinal             1 
_pdbx_audit_revision_details.revision_ordinal    1 
_pdbx_audit_revision_details.data_content_type   'Structure model' 
_pdbx_audit_revision_details.provider            repository 
_pdbx_audit_revision_details.type                'Initial release' 
_pdbx_audit_revision_details.description         ? 
_pdbx_audit_revision_details.details             ? 
# 
loop_
_pdbx_audit_revision_group.ordinal 
_pdbx_audit_revision_group.revision_ordinal 
_pdbx_audit_revision_group.data_content_type 
_pdbx_audit_revision_group.group 
1 2 'Structure model' 'Version format compliance' 
2 3 'Structure model' 'Version format compliance' 
3 4 'Structure model' 'Data collection'           
4 4 'Structure model' 'Database references'       
5 4 'Structure model' 'Derived calculations'      
6 5 'Structure model' 'Data collection'           
# 
loop_
_pdbx_audit_revision_category.ordinal 
_pdbx_audit_revision_category.revision_ordinal 
_pdbx_audit_revision_category.data_content_type 
_pdbx_audit_revision_category.category 
1 4 'Structure model' database_2            
2 4 'Structure model' pdbx_nmr_software     
3 4 'Structure model' pdbx_struct_assembly  
4 4 'Structure model' pdbx_struct_oper_list 
5 5 'Structure model' chem_comp_atom        
6 5 'Structure model' chem_comp_bond        
# 
loop_
_pdbx_audit_revision_item.ordinal 
_pdbx_audit_revision_item.revision_ordinal 
_pdbx_audit_revision_item.data_content_type 
_pdbx_audit_revision_item.item 
1 4 'Structure model' '_database_2.pdbx_DOI'                
2 4 'Structure model' '_database_2.pdbx_database_accession' 
3 4 'Structure model' '_pdbx_nmr_software.name'             
# 
_pdbx_database_status.status_code                     REL 
_pdbx_database_status.entry_id                        1BWT 
_pdbx_database_status.recvd_initial_deposition_date   1998-09-28 
_pdbx_database_status.deposit_site                    BNL 
_pdbx_database_status.process_site                    RCSB 
_pdbx_database_status.status_code_mr                  REL 
_pdbx_database_status.SG_entry                        . 
_pdbx_database_status.pdb_format_compatible           Y 
_pdbx_database_status.status_code_sf                  ? 
_pdbx_database_status.status_code_cs                  ? 
_pdbx_database_status.status_code_nmr_data            ? 
_pdbx_database_status.methods_development_category    ? 
# 
loop_
_audit_author.name 
_audit_author.pdbx_ordinal 
'Aramini, J.M.' 1 
'Mujeeb, A.'    2 
'Germann, M.W.' 3 
# 
_citation.id                        primary 
_citation.title                     
;NMR solution structures of [d(GCGAAT-3'-3'-alphaT-5'-5'-CGC)2] and its unmodified control.
;
_citation.journal_abbrev            'Nucleic Acids Res.' 
_citation.journal_volume            26 
_citation.page_first                5644 
_citation.page_last                 5654 
_citation.year                      1998 
_citation.journal_id_ASTM           NARHAD 
_citation.country                   UK 
_citation.journal_id_ISSN           0305-1048 
_citation.journal_id_CSD            0389 
_citation.book_publisher            ? 
_citation.pdbx_database_id_PubMed   9837995 
_citation.pdbx_database_id_DOI      10.1093/nar/26.24.5644 
# 
loop_
_citation_author.citation_id 
_citation_author.name 
_citation_author.ordinal 
_citation_author.identifier_ORCID 
primary 'Aramini, J.M.' 1 ? 
primary 'Mujeeb, A.'    2 ? 
primary 'Germann, M.W.' 3 ? 
# 
_entity.id                         1 
_entity.type                       polymer 
_entity.src_method                 syn 
_entity.pdbx_description           
;DNA (5'-D(*GP*CP*GP*AP*AP*TP*TP*CP*GP*C)-3')
;
_entity.formula_weight             3045.005 
_entity.pdbx_number_of_molecules   2 
_entity.pdbx_ec                    ? 
_entity.pdbx_mutation              ? 
_entity.pdbx_fragment              ? 
_entity.details                    ? 
# 
_entity_poly.entity_id                      1 
_entity_poly.type                           polydeoxyribonucleotide 
_entity_poly.nstd_linkage                   no 
_entity_poly.nstd_monomer                   no 
_entity_poly.pdbx_seq_one_letter_code       '(DG)(DC)(DG)(DA)(DA)(DT)(DT)(DC)(DG)(DC)' 
_entity_poly.pdbx_seq_one_letter_code_can   GCGAATTCGC 
_entity_poly.pdbx_strand_id                 A,B 
_entity_poly.pdbx_target_identifier         ? 
# 
loop_
_entity_poly_seq.entity_id 
_entity_poly_seq.num 
_entity_poly_seq.mon_id 
_entity_poly_seq.hetero 
1 1  DG n 
1 2  DC n 
1 3  DG n 
1 4  DA n 
1 5  DA n 
1 6  DT n 
1 7  DT n 
1 8  DC n 
1 9  DG n 
1 10 DC n 
# 
loop_
_chem_comp.id 
_chem_comp.type 
_chem_comp.mon_nstd_flag 
_chem_comp.name 
_chem_comp.pdbx_synonyms 
_chem_comp.formula 
_chem_comp.formula_weight 
DA 'DNA linking' y "2'-DEOXYADENOSINE-5'-MONOPHOSPHATE" ? 'C10 H14 N5 O6 P' 331.222 
DC 'DNA linking' y "2'-DEOXYCYTIDINE-5'-MONOPHOSPHATE"  ? 'C9 H14 N3 O7 P'  307.197 
DG 'DNA linking' y "2'-DEOXYGUANOSINE-5'-MONOPHOSPHATE" ? 'C10 H14 N5 O7 P' 347.221 
DT 'DNA linking' y "THYMIDINE-5'-MONOPHOSPHATE"         ? 'C10 H15 N2 O8 P' 322.208 
# 
loop_
_pdbx_poly_seq_scheme.asym_id 
_pdbx_poly_seq_scheme.entity_id 
_pdbx_poly_seq_scheme.seq_id 
_pdbx_poly_seq_scheme.mon_id 
_pdbx_poly_seq_scheme.ndb_seq_num 
_pdbx_poly_seq_scheme.pdb_seq_num 
_pdbx_poly_seq_scheme.auth_seq_num 
_pdbx_poly_seq_scheme.pdb_mon_id 
_pdbx_poly_seq_scheme.auth_mon_id 
_pdbx_poly_seq_scheme.pdb_strand_id 
_pdbx_poly_seq_scheme.pdb_ins_code 
_pdbx_poly_seq_scheme.hetero 
A 1 1  DG 1  1  1  DG G A . n 
A 1 2  DC 2  2  2  DC C A . n 
A 1 3  DG 3  3  3  DG G A . n 
A 1 4  DA 4  4  4  DA A A . n 
A 1 5  DA 5  5  5  DA A A . n 
A 1 6  DT 6  6  6  DT T A . n 
A 1 7  DT 7  7  7  DT T A . n 
A 1 8  DC 8  8  8  DC C A . n 
A 1 9  DG 9  9  9  DG G A . n 
A 1 10 DC 10 10 10 DC C A . n 
B 1 1  DG 1  11 11 DG G B . n 
B 1 2  DC 2  12 12 DC C B . n 
B 1 3  DG 3  13 13 DG G B . n 
B 1 4  DA 4  14 14 DA A B . n 
B 1 5  DA 5  15 15 DA A B . n 
B 1 6  DT 6  16 16 DT T B . n 
B 1 7  DT 7  17 17 DT T B . n 
B 1 8  DC 8  18 18 DC C B . n 
B 1 9  DG 9  19 19 DG G B . n 
B 1 10 DC 10 20 20 DC C B . n 
# 
_cell.entry_id           1BWT 
_cell.length_a           1.000 
_cell.length_b           1.000 
_cell.length_c           1.000 
_cell.angle_alpha        90.00 
_cell.angle_beta         90.00 
_cell.angle_gamma        90.00 
_cell.Z_PDB              1 
_cell.pdbx_unique_axis   ? 
# 
_symmetry.entry_id                         1BWT 
_symmetry.space_group_name_H-M             'P 1' 
_symmetry.pdbx_full_space_group_name_H-M   ? 
_symmetry.cell_setting                     ? 
_symmetry.Int_Tables_number                1 
# 
_exptl.entry_id          1BWT 
_exptl.method            'SOLUTION NMR' 
_exptl.crystals_number   ? 
# 
_struct.entry_id                  1BWT 
_struct.title                     'NMR SOLUTION STRUCTURE OF [D(GCGAATCGC)2]' 
_struct.pdbx_model_details        ? 
_struct.pdbx_CASP_flag            ? 
_struct.pdbx_model_type_details   ? 
# 
_struct_keywords.entry_id        1BWT 
_struct_keywords.pdbx_keywords   DNA 
_struct_keywords.text            'ECORI RECOGNITION SITE, DNA' 
# 
loop_
_struct_asym.id 
_struct_asym.pdbx_blank_PDB_chainid_flag 
_struct_asym.pdbx_modified 
_struct_asym.entity_id 
_struct_asym.details 
A N N 1 ? 
B N N 1 ? 
# 
_struct_ref.id                         1 
_struct_ref.entity_id                  1 
_struct_ref.db_name                    PDB 
_struct_ref.db_code                    1BWT 
_struct_ref.pdbx_db_accession          1BWT 
_struct_ref.pdbx_db_isoform            ? 
_struct_ref.pdbx_seq_one_letter_code   ? 
_struct_ref.pdbx_align_begin           ? 
# 
loop_
_struct_ref_seq.align_id 
_struct_ref_seq.ref_id 
_struct_ref_seq.pdbx_PDB_id_code 
_struct_ref_seq.pdbx_strand_id 
_struct_ref_seq.seq_align_beg 
_struct_ref_seq.pdbx_seq_align_beg_ins_code 
_struct_ref_seq.seq_align_end 
_struct_ref_seq.pdbx_seq_align_end_ins_code 
_struct_ref_seq.pdbx_db_accession 
_struct_ref_seq.db_align_beg 
_struct_ref_seq.pdbx_db_align_beg_ins_code 
_struct_ref_seq.db_align_end 
_struct_ref_seq.pdbx_db_align_end_ins_code 
_struct_ref_seq.pdbx_auth_seq_align_beg 
_struct_ref_seq.pdbx_auth_seq_align_end 
1 1 1BWT A 1 ? 10 ? 1BWT 1  ? 10 ? 1  10 
2 1 1BWT B 1 ? 10 ? 1BWT 11 ? 20 ? 11 20 
# 
_pdbx_struct_assembly.id                   1 
_pdbx_struct_assembly.details              author_defined_assembly 
_pdbx_struct_assembly.method_details       ? 
_pdbx_struct_assembly.oligomeric_details   dimeric 
_pdbx_struct_assembly.oligomeric_count     2 
# 
_pdbx_struct_assembly_gen.assembly_id       1 
_pdbx_struct_assembly_gen.oper_expression   1 
_pdbx_struct_assembly_gen.asym_id_list      A,B 
# 
_pdbx_struct_oper_list.id                   1 
_pdbx_struct_oper_list.type                 'identity operation' 
_pdbx_struct_oper_list.name                 1_555 
_pdbx_struct_oper_list.symmetry_operation   x,y,z 
_pdbx_struct_oper_list.matrix[1][1]         1.0000000000 
_pdbx_struct_oper_list.matrix[1][2]         0.0000000000 
_pdbx_struct_oper_list.matrix[1][3]         0.0000000000 
_pdbx_struct_oper_list.vector[1]            0.0000000000 
_pdbx_struct_oper_list.matrix[2][1]         0.0000000000 
_pdbx_struct_oper_list.matrix[2][2]         1.0000000000 
_pdbx_struct_oper_list.matrix[2][3]         0.0000000000 
_pdbx_struct_oper_list.vector[2]            0.0000000000 
_pdbx_struct_oper_list.matrix[3][1]         0.0000000000 
_pdbx_struct_oper_list.matrix[3][2]         0.0000000000 
_pdbx_struct_oper_list.matrix[3][3]         1.0000000000 
_pdbx_struct_oper_list.vector[3]            0.0000000000 
# 
_struct_biol.id   1 
# 
loop_
_struct_conn.id 
_struct_conn.conn_type_id 
_struct_conn.pdbx_leaving_atom_flag 
_struct_conn.pdbx_PDB_id 
_struct_conn.ptnr1_label_asym_id 
_struct_conn.ptnr1_label_comp_id 
_struct_conn.ptnr1_label_seq_id 
_struct_conn.ptnr1_label_atom_id 
_struct_conn.pdbx_ptnr1_label_alt_id 
_struct_conn.pdbx_ptnr1_PDB_ins_code 
_struct_conn.pdbx_ptnr1_standard_comp_id 
_struct_conn.ptnr1_symmetry 
_struct_conn.ptnr2_label_asym_id 
_struct_conn.ptnr2_label_comp_id 
_struct_conn.ptnr2_label_seq_id 
_struct_conn.ptnr2_label_atom_id 
_struct_conn.pdbx_ptnr2_label_alt_id 
_struct_conn.pdbx_ptnr2_PDB_ins_code 
_struct_conn.ptnr1_auth_asym_id 
_struct_conn.ptnr1_auth_comp_id 
_struct_conn.ptnr1_auth_seq_id 
_struct_conn.ptnr2_auth_asym_id 
_struct_conn.ptnr2_auth_comp_id 
_struct_conn.ptnr2_auth_seq_id 
_struct_conn.ptnr2_symmetry 
_struct_conn.pdbx_ptnr3_label_atom_id 
_struct_conn.pdbx_ptnr3_label_seq_id 
_struct_conn.pdbx_ptnr3_label_comp_id 
_struct_conn.pdbx_ptnr3_label_asym_id 
_struct_conn.pdbx_ptnr3_label_alt_id 
_struct_conn.pdbx_ptnr3_PDB_ins_code 
_struct_conn.details 
_struct_conn.pdbx_dist_value 
_struct_conn.pdbx_value_order 
_struct_conn.pdbx_role 
hydrog1  hydrog ? ? A DG 1  N1 ? ? ? 1_555 B DC 10 N3 ? ? A DG 1  B DC 20 1_555 ? ? ? ? ? ? WATSON-CRICK ? ? ? 
hydrog2  hydrog ? ? A DG 1  N2 ? ? ? 1_555 B DC 10 O2 ? ? A DG 1  B DC 20 1_555 ? ? ? ? ? ? WATSON-CRICK ? ? ? 
hydrog3  hydrog ? ? A DG 1  O6 ? ? ? 1_555 B DC 10 N4 ? ? A DG 1  B DC 20 1_555 ? ? ? ? ? ? WATSON-CRICK ? ? ? 
hydrog4  hydrog ? ? A DC 2  N3 ? ? ? 1_555 B DG 9  N1 ? ? A DC 2  B DG 19 1_555 ? ? ? ? ? ? WATSON-CRICK ? ? ? 
hydrog5  hydrog ? ? A DC 2  N4 ? ? ? 1_555 B DG 9  O6 ? ? A DC 2  B DG 19 1_555 ? ? ? ? ? ? WATSON-CRICK ? ? ? 
hydrog6  hydrog ? ? A DC 2  O2 ? ? ? 1_555 B DG 9  N2 ? ? A DC 2  B DG 19 1_555 ? ? ? ? ? ? WATSON-CRICK ? ? ? 
hydrog7  hydrog ? ? A DG 3  N1 ? ? ? 1_555 B DC 8  N3 ? ? A DG 3  B DC 18 1_555 ? ? ? ? ? ? WATSON-CRICK ? ? ? 
hydrog8  hydrog ? ? A DG 3  N2 ? ? ? 1_555 B DC 8  O2 ? ? A DG 3  B DC 18 1_555 ? ? ? ? ? ? WATSON-CRICK ? ? ? 
hydrog9  hydrog ? ? A DG 3  O6 ? ? ? 1_555 B DC 8  N4 ? ? A DG 3  B DC 18 1_555 ? ? ? ? ? ? WATSON-CRICK ? ? ? 
hydrog10 hydrog ? ? A DA 4  N1 ? ? ? 1_555 B DT 7  N3 ? ? A DA 4  B DT 17 1_555 ? ? ? ? ? ? WATSON-CRICK ? ? ? 
hydrog11 hydrog ? ? A DA 4  N6 ? ? ? 1_555 B DT 7  O4 ? ? A DA 4  B DT 17 1_555 ? ? ? ? ? ? WATSON-CRICK ? ? ? 
hydrog12 hydrog ? ? A DA 5  N1 ? ? ? 1_555 B DT 6  N3 ? ? A DA 5  B DT 16 1_555 ? ? ? ? ? ? WATSON-CRICK ? ? ? 
hydrog13 hydrog ? ? A DA 5  N6 ? ? ? 1_555 B DT 6  O4 ? ? A DA 5  B DT 16 1_555 ? ? ? ? ? ? WATSON-CRICK ? ? ? 
hydrog14 hydrog ? ? A DT 6  N3 ? ? ? 1_555 B DA 5  N1 ? ? A DT 6  B DA 15 1_555 ? ? ? ? ? ? WATSON-CRICK ? ? ? 
hydrog15 hydrog ? ? A DT 6  O4 ? ? ? 1_555 B DA 5  N6 ? ? A DT 6  B DA 15 1_555 ? ? ? ? ? ? WATSON-CRICK ? ? ? 
hydrog16 hydrog ? ? A DT 7  N3 ? ? ? 1_555 B DA 4  N1 ? ? A DT 7  B DA 14 1_555 ? ? ? ? ? ? WATSON-CRICK ? ? ? 
hydrog17 hydrog ? ? A DT 7  O4 ? ? ? 1_555 B DA 4  N6 ? ? A DT 7  B DA 14 1_555 ? ? ? ? ? ? WATSON-CRICK ? ? ? 
hydrog18 hydrog ? ? A DC 8  N3 ? ? ? 1_555 B DG 3  N1 ? ? A DC 8  B DG 13 1_555 ? ? ? ? ? ? WATSON-CRICK ? ? ? 
hydrog19 hydrog ? ? A DC 8  N4 ? ? ? 1_555 B DG 3  O6 ? ? A DC 8  B DG 13 1_555 ? ? ? ? ? ? WATSON-CRICK ? ? ? 
hydrog20 hydrog ? ? A DC 8  O2 ? ? ? 1_555 B DG 3  N2 ? ? A DC 8  B DG 13 1_555 ? ? ? ? ? ? WATSON-CRICK ? ? ? 
hydrog21 hydrog ? ? A DG 9  N1 ? ? ? 1_555 B DC 2  N3 ? ? A DG 9  B DC 12 1_555 ? ? ? ? ? ? WATSON-CRICK ? ? ? 
hydrog22 hydrog ? ? A DG 9  N2 ? ? ? 1_555 B DC 2  O2 ? ? A DG 9  B DC 12 1_555 ? ? ? ? ? ? WATSON-CRICK ? ? ? 
hydrog23 hydrog ? ? A DG 9  O6 ? ? ? 1_555 B DC 2  N4 ? ? A DG 9  B DC 12 1_555 ? ? ? ? ? ? WATSON-CRICK ? ? ? 
hydrog24 hydrog ? ? A DC 10 N3 ? ? ? 1_555 B DG 1  N1 ? ? A DC 10 B DG 11 1_555 ? ? ? ? ? ? WATSON-CRICK ? ? ? 
hydrog25 hydrog ? ? A DC 10 N4 ? ? ? 1_555 B DG 1  O6 ? ? A DC 10 B DG 11 1_555 ? ? ? ? ? ? WATSON-CRICK ? ? ? 
hydrog26 hydrog ? ? A DC 10 O2 ? ? ? 1_555 B DG 1  N2 ? ? A DC 10 B DG 11 1_555 ? ? ? ? ? ? WATSON-CRICK ? ? ? 
# 
_struct_conn_type.id          hydrog 
_struct_conn_type.criteria    ? 
_struct_conn_type.reference   ? 
# 
loop_
_pdbx_validate_rmsd_angle.id 
_pdbx_validate_rmsd_angle.PDB_model_num 
_pdbx_validate_rmsd_angle.auth_atom_id_1 
_pdbx_validate_rmsd_angle.auth_asym_id_1 
_pdbx_validate_rmsd_angle.auth_comp_id_1 
_pdbx_validate_rmsd_angle.auth_seq_id_1 
_pdbx_validate_rmsd_angle.PDB_ins_code_1 
_pdbx_validate_rmsd_angle.label_alt_id_1 
_pdbx_validate_rmsd_angle.auth_atom_id_2 
_pdbx_validate_rmsd_angle.auth_asym_id_2 
_pdbx_validate_rmsd_angle.auth_comp_id_2 
_pdbx_validate_rmsd_angle.auth_seq_id_2 
_pdbx_validate_rmsd_angle.PDB_ins_code_2 
_pdbx_validate_rmsd_angle.label_alt_id_2 
_pdbx_validate_rmsd_angle.auth_atom_id_3 
_pdbx_validate_rmsd_angle.auth_asym_id_3 
_pdbx_validate_rmsd_angle.auth_comp_id_3 
_pdbx_validate_rmsd_angle.auth_seq_id_3 
_pdbx_validate_rmsd_angle.PDB_ins_code_3 
_pdbx_validate_rmsd_angle.label_alt_id_3 
_pdbx_validate_rmsd_angle.angle_value 
_pdbx_validate_rmsd_angle.angle_target_value 
_pdbx_validate_rmsd_angle.angle_deviation 
_pdbx_validate_rmsd_angle.angle_standard_deviation 
_pdbx_validate_rmsd_angle.linker_flag 
1  1 "O4'" A DG 1  ? ? "C1'" A DG 1  ? ? N9    A DG 1  ? ? 111.55 108.30 3.25  0.30 N 
2  1 "O4'" A DG 3  ? ? "C1'" A DG 3  ? ? N9    A DG 3  ? ? 114.78 108.30 6.48  0.30 N 
3  1 "O4'" A DA 4  ? ? "C4'" A DA 4  ? ? "C3'" A DA 4  ? ? 110.46 106.00 4.46  0.60 N 
4  1 N1    A DA 4  ? ? C6    A DA 4  ? ? N6    A DA 4  ? ? 114.38 118.60 -4.22 0.60 N 
5  1 "O4'" A DA 5  ? ? "C4'" A DA 5  ? ? "C3'" A DA 5  ? ? 109.95 106.00 3.95  0.60 N 
6  1 "O4'" A DT 6  ? ? "C1'" A DT 6  ? ? N1    A DT 6  ? ? 112.10 108.30 3.80  0.30 N 
7  1 "O4'" A DC 8  ? ? "C4'" A DC 8  ? ? "C3'" A DC 8  ? ? 110.07 106.00 4.07  0.60 N 
8  1 "O4'" A DC 8  ? ? "C1'" A DC 8  ? ? N1    A DC 8  ? ? 110.17 108.30 1.87  0.30 N 
9  1 "O4'" A DC 10 ? ? "C1'" A DC 10 ? ? N1    A DC 10 ? ? 110.21 108.30 1.91  0.30 N 
10 1 "O4'" B DG 11 ? ? "C1'" B DG 11 ? ? N9    B DG 11 ? ? 111.75 108.30 3.45  0.30 N 
11 1 "O4'" B DG 13 ? ? "C1'" B DG 13 ? ? N9    B DG 13 ? ? 115.49 108.30 7.19  0.30 N 
12 1 "O4'" B DA 14 ? ? "C4'" B DA 14 ? ? "C3'" B DA 14 ? ? 110.19 106.00 4.19  0.60 N 
13 1 "O4'" B DA 14 ? ? "C1'" B DA 14 ? ? N9    B DA 14 ? ? 111.27 108.30 2.97  0.30 N 
14 1 "O4'" B DA 15 ? ? "C4'" B DA 15 ? ? "C3'" B DA 15 ? ? 111.03 106.00 5.03  0.60 N 
15 1 "O4'" B DT 16 ? ? "C1'" B DT 16 ? ? N1    B DT 16 ? ? 112.08 108.30 3.78  0.30 N 
16 1 "O4'" B DC 18 ? ? "C4'" B DC 18 ? ? "C3'" B DC 18 ? ? 109.98 106.00 3.98  0.60 N 
17 1 "O4'" B DC 18 ? ? "C1'" B DC 18 ? ? N1    B DC 18 ? ? 110.50 108.30 2.20  0.30 N 
18 1 "O4'" B DG 19 ? ? "C4'" B DG 19 ? ? "C3'" B DG 19 ? ? 109.74 106.00 3.74  0.60 N 
# 
loop_
_pdbx_validate_planes.id 
_pdbx_validate_planes.PDB_model_num 
_pdbx_validate_planes.auth_comp_id 
_pdbx_validate_planes.auth_asym_id 
_pdbx_validate_planes.auth_seq_id 
_pdbx_validate_planes.PDB_ins_code 
_pdbx_validate_planes.label_alt_id 
_pdbx_validate_planes.rmsd 
_pdbx_validate_planes.type 
1 1 DC A 2  ? ? 0.069 'SIDE CHAIN' 
2 1 DT A 7  ? ? 0.074 'SIDE CHAIN' 
3 1 DC A 10 ? ? 0.060 'SIDE CHAIN' 
4 1 DC B 12 ? ? 0.067 'SIDE CHAIN' 
5 1 DT B 17 ? ? 0.072 'SIDE CHAIN' 
6 1 DC B 20 ? ? 0.063 'SIDE CHAIN' 
# 
_pdbx_nmr_ensemble.entry_id                                      1BWT 
_pdbx_nmr_ensemble.conformers_calculated_total_number            9 
_pdbx_nmr_ensemble.conformers_submitted_total_number             1 
_pdbx_nmr_ensemble.conformer_selection_criteria                  ? 
_pdbx_nmr_ensemble.average_constraints_per_residue               ? 
_pdbx_nmr_ensemble.average_constraint_violations_per_residue     ? 
_pdbx_nmr_ensemble.maximum_distance_constraint_violation         ? 
_pdbx_nmr_ensemble.average_distance_constraint_violation         ? 
_pdbx_nmr_ensemble.maximum_upper_distance_constraint_violation   ? 
_pdbx_nmr_ensemble.maximum_lower_distance_constraint_violation   ? 
_pdbx_nmr_ensemble.distance_constraint_violation_method          ? 
_pdbx_nmr_ensemble.maximum_torsion_angle_constraint_violation    ? 
_pdbx_nmr_ensemble.average_torsion_angle_constraint_violation    ? 
_pdbx_nmr_ensemble.torsion_angle_constraint_violation_method     ? 
# 
_pdbx_nmr_exptl_sample_conditions.conditions_id       1 
_pdbx_nmr_exptl_sample_conditions.temperature         303 
_pdbx_nmr_exptl_sample_conditions.pressure            1 
_pdbx_nmr_exptl_sample_conditions.pH                  6.5 
_pdbx_nmr_exptl_sample_conditions.ionic_strength      '50 mM NACL, 10 mM NAPHOSPHATE, 0.1 mM EDTA' 
_pdbx_nmr_exptl_sample_conditions.pressure_units      atm 
_pdbx_nmr_exptl_sample_conditions.temperature_units   K 
# 
loop_
_pdbx_nmr_exptl.experiment_id 
_pdbx_nmr_exptl.conditions_id 
_pdbx_nmr_exptl.type 
_pdbx_nmr_exptl.solution_id 
1 1 NOESY    1 
2 1 DQF-COSY 1 
# 
_pdbx_nmr_details.entry_id   1BWT 
_pdbx_nmr_details.text       
;MEAN STRUCTURE. THE STRUCTURE WAS DETERMINED USING DISTANCE AND TORSION ANGLE 
RESTRAINTS OBTAINED FROM HOMONUCLEAR NOESY (125, 250 MS MIXING TIMES) AND DQF- 
COSY EXPERIMENTS.
;
# 
_pdbx_nmr_refine.entry_id           1BWT 
_pdbx_nmr_refine.method             'simulated annealing' 
_pdbx_nmr_refine.details            'REFINEMENT DETAILS CAN BE FOUND IN THE JRNL CITATION ABOVE' 
_pdbx_nmr_refine.software_ordinal   1 
# 
loop_
_pdbx_nmr_software.classification 
_pdbx_nmr_software.name 
_pdbx_nmr_software.version 
_pdbx_nmr_software.authors 
_pdbx_nmr_software.ordinal 
refinement           Amber     4.1 'PEARLMAN ET AL., 1995' 1 
'structure solution' RAMDMARDI ?   ?                       2 
'structure solution' Amber     4.1 ?                       3 
# 
loop_
_chem_comp_atom.comp_id 
_chem_comp_atom.atom_id 
_chem_comp_atom.type_symbol 
_chem_comp_atom.pdbx_aromatic_flag 
_chem_comp_atom.pdbx_stereo_config 
_chem_comp_atom.pdbx_ordinal 
DA OP3    O N N 1   
DA P      P N N 2   
DA OP1    O N N 3   
DA OP2    O N N 4   
DA "O5'"  O N N 5   
DA "C5'"  C N N 6   
DA "C4'"  C N R 7   
DA "O4'"  O N N 8   
DA "C3'"  C N S 9   
DA "O3'"  O N N 10  
DA "C2'"  C N N 11  
DA "C1'"  C N R 12  
DA N9     N Y N 13  
DA C8     C Y N 14  
DA N7     N Y N 15  
DA C5     C Y N 16  
DA C6     C Y N 17  
DA N6     N N N 18  
DA N1     N Y N 19  
DA C2     C Y N 20  
DA N3     N Y N 21  
DA C4     C Y N 22  
DA HOP3   H N N 23  
DA HOP2   H N N 24  
DA "H5'"  H N N 25  
DA "H5''" H N N 26  
DA "H4'"  H N N 27  
DA "H3'"  H N N 28  
DA "HO3'" H N N 29  
DA "H2'"  H N N 30  
DA "H2''" H N N 31  
DA "H1'"  H N N 32  
DA H8     H N N 33  
DA H61    H N N 34  
DA H62    H N N 35  
DA H2     H N N 36  
DC OP3    O N N 37  
DC P      P N N 38  
DC OP1    O N N 39  
DC OP2    O N N 40  
DC "O5'"  O N N 41  
DC "C5'"  C N N 42  
DC "C4'"  C N R 43  
DC "O4'"  O N N 44  
DC "C3'"  C N S 45  
DC "O3'"  O N N 46  
DC "C2'"  C N N 47  
DC "C1'"  C N R 48  
DC N1     N N N 49  
DC C2     C N N 50  
DC O2     O N N 51  
DC N3     N N N 52  
DC C4     C N N 53  
DC N4     N N N 54  
DC C5     C N N 55  
DC C6     C N N 56  
DC HOP3   H N N 57  
DC HOP2   H N N 58  
DC "H5'"  H N N 59  
DC "H5''" H N N 60  
DC "H4'"  H N N 61  
DC "H3'"  H N N 62  
DC "HO3'" H N N 63  
DC "H2'"  H N N 64  
DC "H2''" H N N 65  
DC "H1'"  H N N 66  
DC H41    H N N 67  
DC H42    H N N 68  
DC H5     H N N 69  
DC H6     H N N 70  
DG OP3    O N N 71  
DG P      P N N 72  
DG OP1    O N N 73  
DG OP2    O N N 74  
DG "O5'"  O N N 75  
DG "C5'"  C N N 76  
DG "C4'"  C N R 77  
DG "O4'"  O N N 78  
DG "C3'"  C N S 79  
DG "O3'"  O N N 80  
DG "C2'"  C N N 81  
DG "C1'"  C N R 82  
DG N9     N Y N 83  
DG C8     C Y N 84  
DG N7     N Y N 85  
DG C5     C Y N 86  
DG C6     C N N 87  
DG O6     O N N 88  
DG N1     N N N 89  
DG C2     C N N 90  
DG N2     N N N 91  
DG N3     N N N 92  
DG C4     C Y N 93  
DG HOP3   H N N 94  
DG HOP2   H N N 95  
DG "H5'"  H N N 96  
DG "H5''" H N N 97  
DG "H4'"  H N N 98  
DG "H3'"  H N N 99  
DG "HO3'" H N N 100 
DG "H2'"  H N N 101 
DG "H2''" H N N 102 
DG "H1'"  H N N 103 
DG H8     H N N 104 
DG H1     H N N 105 
DG H21    H N N 106 
DG H22    H N N 107 
DT OP3    O N N 108 
DT P      P N N 109 
DT OP1    O N N 110 
DT OP2    O N N 111 
DT "O5'"  O N N 112 
DT "C5'"  C N N 113 
DT "C4'"  C N R 114 
DT "O4'"  O N N 115 
DT "C3'"  C N S 116 
DT "O3'"  O N N 117 
DT "C2'"  C N N 118 
DT "C1'"  C N R 119 
DT N1     N N N 120 
DT C2     C N N 121 
DT O2     O N N 122 
DT N3     N N N 123 
DT C4     C N N 124 
DT O4     O N N 125 
DT C5     C N N 126 
DT C7     C N N 127 
DT C6     C N N 128 
DT HOP3   H N N 129 
DT HOP2   H N N 130 
DT "H5'"  H N N 131 
DT "H5''" H N N 132 
DT "H4'"  H N N 133 
DT "H3'"  H N N 134 
DT "HO3'" H N N 135 
DT "H2'"  H N N 136 
DT "H2''" H N N 137 
DT "H1'"  H N N 138 
DT H3     H N N 139 
DT H71    H N N 140 
DT H72    H N N 141 
DT H73    H N N 142 
DT H6     H N N 143 
# 
loop_
_chem_comp_bond.comp_id 
_chem_comp_bond.atom_id_1 
_chem_comp_bond.atom_id_2 
_chem_comp_bond.value_order 
_chem_comp_bond.pdbx_aromatic_flag 
_chem_comp_bond.pdbx_stereo_config 
_chem_comp_bond.pdbx_ordinal 
DA OP3   P      sing N N 1   
DA OP3   HOP3   sing N N 2   
DA P     OP1    doub N N 3   
DA P     OP2    sing N N 4   
DA P     "O5'"  sing N N 5   
DA OP2   HOP2   sing N N 6   
DA "O5'" "C5'"  sing N N 7   
DA "C5'" "C4'"  sing N N 8   
DA "C5'" "H5'"  sing N N 9   
DA "C5'" "H5''" sing N N 10  
DA "C4'" "O4'"  sing N N 11  
DA "C4'" "C3'"  sing N N 12  
DA "C4'" "H4'"  sing N N 13  
DA "O4'" "C1'"  sing N N 14  
DA "C3'" "O3'"  sing N N 15  
DA "C3'" "C2'"  sing N N 16  
DA "C3'" "H3'"  sing N N 17  
DA "O3'" "HO3'" sing N N 18  
DA "C2'" "C1'"  sing N N 19  
DA "C2'" "H2'"  sing N N 20  
DA "C2'" "H2''" sing N N 21  
DA "C1'" N9     sing N N 22  
DA "C1'" "H1'"  sing N N 23  
DA N9    C8     sing Y N 24  
DA N9    C4     sing Y N 25  
DA C8    N7     doub Y N 26  
DA C8    H8     sing N N 27  
DA N7    C5     sing Y N 28  
DA C5    C6     sing Y N 29  
DA C5    C4     doub Y N 30  
DA C6    N6     sing N N 31  
DA C6    N1     doub Y N 32  
DA N6    H61    sing N N 33  
DA N6    H62    sing N N 34  
DA N1    C2     sing Y N 35  
DA C2    N3     doub Y N 36  
DA C2    H2     sing N N 37  
DA N3    C4     sing Y N 38  
DC OP3   P      sing N N 39  
DC OP3   HOP3   sing N N 40  
DC P     OP1    doub N N 41  
DC P     OP2    sing N N 42  
DC P     "O5'"  sing N N 43  
DC OP2   HOP2   sing N N 44  
DC "O5'" "C5'"  sing N N 45  
DC "C5'" "C4'"  sing N N 46  
DC "C5'" "H5'"  sing N N 47  
DC "C5'" "H5''" sing N N 48  
DC "C4'" "O4'"  sing N N 49  
DC "C4'" "C3'"  sing N N 50  
DC "C4'" "H4'"  sing N N 51  
DC "O4'" "C1'"  sing N N 52  
DC "C3'" "O3'"  sing N N 53  
DC "C3'" "C2'"  sing N N 54  
DC "C3'" "H3'"  sing N N 55  
DC "O3'" "HO3'" sing N N 56  
DC "C2'" "C1'"  sing N N 57  
DC "C2'" "H2'"  sing N N 58  
DC "C2'" "H2''" sing N N 59  
DC "C1'" N1     sing N N 60  
DC "C1'" "H1'"  sing N N 61  
DC N1    C2     sing N N 62  
DC N1    C6     sing N N 63  
DC C2    O2     doub N N 64  
DC C2    N3     sing N N 65  
DC N3    C4     doub N N 66  
DC C4    N4     sing N N 67  
DC C4    C5     sing N N 68  
DC N4    H41    sing N N 69  
DC N4    H42    sing N N 70  
DC C5    C6     doub N N 71  
DC C5    H5     sing N N 72  
DC C6    H6     sing N N 73  
DG OP3   P      sing N N 74  
DG OP3   HOP3   sing N N 75  
DG P     OP1    doub N N 76  
DG P     OP2    sing N N 77  
DG P     "O5'"  sing N N 78  
DG OP2   HOP2   sing N N 79  
DG "O5'" "C5'"  sing N N 80  
DG "C5'" "C4'"  sing N N 81  
DG "C5'" "H5'"  sing N N 82  
DG "C5'" "H5''" sing N N 83  
DG "C4'" "O4'"  sing N N 84  
DG "C4'" "C3'"  sing N N 85  
DG "C4'" "H4'"  sing N N 86  
DG "O4'" "C1'"  sing N N 87  
DG "C3'" "O3'"  sing N N 88  
DG "C3'" "C2'"  sing N N 89  
DG "C3'" "H3'"  sing N N 90  
DG "O3'" "HO3'" sing N N 91  
DG "C2'" "C1'"  sing N N 92  
DG "C2'" "H2'"  sing N N 93  
DG "C2'" "H2''" sing N N 94  
DG "C1'" N9     sing N N 95  
DG "C1'" "H1'"  sing N N 96  
DG N9    C8     sing Y N 97  
DG N9    C4     sing Y N 98  
DG C8    N7     doub Y N 99  
DG C8    H8     sing N N 100 
DG N7    C5     sing Y N 101 
DG C5    C6     sing N N 102 
DG C5    C4     doub Y N 103 
DG C6    O6     doub N N 104 
DG C6    N1     sing N N 105 
DG N1    C2     sing N N 106 
DG N1    H1     sing N N 107 
DG C2    N2     sing N N 108 
DG C2    N3     doub N N 109 
DG N2    H21    sing N N 110 
DG N2    H22    sing N N 111 
DG N3    C4     sing N N 112 
DT OP3   P      sing N N 113 
DT OP3   HOP3   sing N N 114 
DT P     OP1    doub N N 115 
DT P     OP2    sing N N 116 
DT P     "O5'"  sing N N 117 
DT OP2   HOP2   sing N N 118 
DT "O5'" "C5'"  sing N N 119 
DT "C5'" "C4'"  sing N N 120 
DT "C5'" "H5'"  sing N N 121 
DT "C5'" "H5''" sing N N 122 
DT "C4'" "O4'"  sing N N 123 
DT "C4'" "C3'"  sing N N 124 
DT "C4'" "H4'"  sing N N 125 
DT "O4'" "C1'"  sing N N 126 
DT "C3'" "O3'"  sing N N 127 
DT "C3'" "C2'"  sing N N 128 
DT "C3'" "H3'"  sing N N 129 
DT "O3'" "HO3'" sing N N 130 
DT "C2'" "C1'"  sing N N 131 
DT "C2'" "H2'"  sing N N 132 
DT "C2'" "H2''" sing N N 133 
DT "C1'" N1     sing N N 134 
DT "C1'" "H1'"  sing N N 135 
DT N1    C2     sing N N 136 
DT N1    C6     sing N N 137 
DT C2    O2     doub N N 138 
DT C2    N3     sing N N 139 
DT N3    C4     sing N N 140 
DT N3    H3     sing N N 141 
DT C4    O4     doub N N 142 
DT C4    C5     sing N N 143 
DT C5    C7     sing N N 144 
DT C5    C6     doub N N 145 
DT C7    H71    sing N N 146 
DT C7    H72    sing N N 147 
DT C7    H73    sing N N 148 
DT C6    H6     sing N N 149 
# 
_ndb_struct_conf_na.entry_id   1BWT 
_ndb_struct_conf_na.feature    'b-form double helix' 
# 
loop_
_ndb_struct_na_base_pair.model_number 
_ndb_struct_na_base_pair.i_label_asym_id 
_ndb_struct_na_base_pair.i_label_comp_id 
_ndb_struct_na_base_pair.i_label_seq_id 
_ndb_struct_na_base_pair.i_symmetry 
_ndb_struct_na_base_pair.j_label_asym_id 
_ndb_struct_na_base_pair.j_label_comp_id 
_ndb_struct_na_base_pair.j_label_seq_id 
_ndb_struct_na_base_pair.j_symmetry 
_ndb_struct_na_base_pair.shear 
_ndb_struct_na_base_pair.stretch 
_ndb_struct_na_base_pair.stagger 
_ndb_struct_na_base_pair.buckle 
_ndb_struct_na_base_pair.propeller 
_ndb_struct_na_base_pair.opening 
_ndb_struct_na_base_pair.pair_number 
_ndb_struct_na_base_pair.pair_name 
_ndb_struct_na_base_pair.i_auth_asym_id 
_ndb_struct_na_base_pair.i_auth_seq_id 
_ndb_struct_na_base_pair.i_PDB_ins_code 
_ndb_struct_na_base_pair.j_auth_asym_id 
_ndb_struct_na_base_pair.j_auth_seq_id 
_ndb_struct_na_base_pair.j_PDB_ins_code 
_ndb_struct_na_base_pair.hbond_type_28 
_ndb_struct_na_base_pair.hbond_type_12 
1 A DG 1  1_555 B DC 10 1_555 -0.360 -0.206 -0.036 -6.827 -7.031  -0.945 1  A_DG1:DC20_B  A 1  ? B 20 ? 19 1 
1 A DC 2  1_555 B DG 9  1_555 0.370  -0.179 0.071  -7.694 -0.038  0.452  2  A_DC2:DG19_B  A 2  ? B 19 ? 19 1 
1 A DG 3  1_555 B DC 8  1_555 -0.323 -0.207 -0.204 -0.389 -9.580  0.099  3  A_DG3:DC18_B  A 3  ? B 18 ? 19 1 
1 A DA 4  1_555 B DT 7  1_555 -0.012 -0.087 -0.283 -5.667 -6.913  4.345  4  A_DA4:DT17_B  A 4  ? B 17 ? 20 1 
1 A DA 5  1_555 B DT 6  1_555 -0.020 -0.156 -0.257 4.400  -15.287 -1.369 5  A_DA5:DT16_B  A 5  ? B 16 ? 20 1 
1 A DT 6  1_555 B DA 5  1_555 0.078  -0.184 -0.307 0.042  -16.116 0.469  6  A_DT6:DA15_B  A 6  ? B 15 ? 20 1 
1 A DT 7  1_555 B DA 4  1_555 0.126  -0.125 -0.285 4.189  -11.073 1.642  7  A_DT7:DA14_B  A 7  ? B 14 ? 20 1 
1 A DC 8  1_555 B DG 3  1_555 0.342  -0.217 -0.158 -0.851 -11.882 -0.299 8  A_DC8:DG13_B  A 8  ? B 13 ? 19 1 
1 A DG 9  1_555 B DC 2  1_555 -0.412 -0.196 0.110  6.111  -0.687  0.140  9  A_DG9:DC12_B  A 9  ? B 12 ? 19 1 
1 A DC 10 1_555 B DG 1  1_555 0.404  -0.218 0.050  5.118  -7.341  -0.642 10 A_DC10:DG11_B A 10 ? B 11 ? 19 1 
# 
loop_
_ndb_struct_na_base_pair_step.model_number 
_ndb_struct_na_base_pair_step.i_label_asym_id_1 
_ndb_struct_na_base_pair_step.i_label_comp_id_1 
_ndb_struct_na_base_pair_step.i_label_seq_id_1 
_ndb_struct_na_base_pair_step.i_symmetry_1 
_ndb_struct_na_base_pair_step.j_label_asym_id_1 
_ndb_struct_na_base_pair_step.j_label_comp_id_1 
_ndb_struct_na_base_pair_step.j_label_seq_id_1 
_ndb_struct_na_base_pair_step.j_symmetry_1 
_ndb_struct_na_base_pair_step.i_label_asym_id_2 
_ndb_struct_na_base_pair_step.i_label_comp_id_2 
_ndb_struct_na_base_pair_step.i_label_seq_id_2 
_ndb_struct_na_base_pair_step.i_symmetry_2 
_ndb_struct_na_base_pair_step.j_label_asym_id_2 
_ndb_struct_na_base_pair_step.j_label_comp_id_2 
_ndb_struct_na_base_pair_step.j_label_seq_id_2 
_ndb_struct_na_base_pair_step.j_symmetry_2 
_ndb_struct_na_base_pair_step.shift 
_ndb_struct_na_base_pair_step.slide 
_ndb_struct_na_base_pair_step.rise 
_ndb_struct_na_base_pair_step.tilt 
_ndb_struct_na_base_pair_step.roll 
_ndb_struct_na_base_pair_step.twist 
_ndb_struct_na_base_pair_step.x_displacement 
_ndb_struct_na_base_pair_step.y_displacement 
_ndb_struct_na_base_pair_step.helical_rise 
_ndb_struct_na_base_pair_step.inclination 
_ndb_struct_na_base_pair_step.tip 
_ndb_struct_na_base_pair_step.helical_twist 
_ndb_struct_na_base_pair_step.step_number 
_ndb_struct_na_base_pair_step.step_name 
_ndb_struct_na_base_pair_step.i_auth_asym_id_1 
_ndb_struct_na_base_pair_step.i_auth_seq_id_1 
_ndb_struct_na_base_pair_step.i_PDB_ins_code_1 
_ndb_struct_na_base_pair_step.j_auth_asym_id_1 
_ndb_struct_na_base_pair_step.j_auth_seq_id_1 
_ndb_struct_na_base_pair_step.j_PDB_ins_code_1 
_ndb_struct_na_base_pair_step.i_auth_asym_id_2 
_ndb_struct_na_base_pair_step.i_auth_seq_id_2 
_ndb_struct_na_base_pair_step.i_PDB_ins_code_2 
_ndb_struct_na_base_pair_step.j_auth_asym_id_2 
_ndb_struct_na_base_pair_step.j_auth_seq_id_2 
_ndb_struct_na_base_pair_step.j_PDB_ins_code_2 
1 A DG 1 1_555 B DC 10 1_555 A DC 2  1_555 B DG 9 1_555 -0.172 -0.805 3.329 -0.369 1.657  39.579 -1.384 0.210  3.296 2.445   0.544 
39.614 1 AA_DG1DC2:DG19DC20_BB  A 1 ? B 20 ? A 2  ? B 19 ? 
1 A DC 2 1_555 B DG 9  1_555 A DG 3  1_555 B DC 8 1_555 0.347  0.021  3.206 1.028  4.403  28.426 -0.927 -0.471 3.183 8.895   
-2.077 28.776 2 AA_DC2DG3:DC18DG19_BB  A 2 ? B 19 ? A 3  ? B 18 ? 
1 A DG 3 1_555 B DC 8  1_555 A DA 4  1_555 B DT 7 1_555 0.192  -0.487 3.404 -0.105 5.570  36.354 -1.554 -0.319 3.295 8.863   0.167 
36.764 3 AA_DG3DA4:DT17DC18_BB  A 3 ? B 18 ? A 4  ? B 17 ? 
1 A DA 4 1_555 B DT 7  1_555 A DA 5  1_555 B DT 6 1_555 -0.984 0.087  3.260 -0.675 -5.679 39.603 0.778  1.361  3.233 -8.328  0.990 
39.997 4 AA_DA4DA5:DT16DT17_BB  A 4 ? B 17 ? A 5  ? B 16 ? 
1 A DA 5 1_555 B DT 6  1_555 A DT 6  1_555 B DA 5 1_555 0.149  -0.738 3.513 0.254  -7.391 33.629 0.019  -0.209 3.591 -12.586 
-0.433 34.410 5 AA_DA5DT6:DA15DT16_BB  A 5 ? B 16 ? A 6  ? B 15 ? 
1 A DT 6 1_555 B DA 5  1_555 A DT 7  1_555 B DA 4 1_555 0.486  -0.110 3.315 2.196  -1.970 39.631 0.072  -0.455 3.338 -2.900  
-3.234 39.737 6 AA_DT6DT7:DA14DA15_BB  A 6 ? B 15 ? A 7  ? B 14 ? 
1 A DT 7 1_555 B DA 4  1_555 A DC 8  1_555 B DG 3 1_555 -0.050 -0.298 3.385 -0.047 4.316  36.647 -1.073 0.072  3.330 6.836   0.075 
36.891 7 AA_DT7DC8:DG13DA14_BB  A 7 ? B 14 ? A 8  ? B 13 ? 
1 A DC 8 1_555 B DG 3  1_555 A DG 9  1_555 B DC 2 1_555 -0.325 0.066  3.174 -1.332 4.096  28.042 -0.786 0.365  3.163 8.391   2.729 
28.364 8 AA_DC8DG9:DC12DG13_BB  A 8 ? B 13 ? A 9  ? B 12 ? 
1 A DG 9 1_555 B DC 2  1_555 A DC 10 1_555 B DG 1 1_555 0.226  -0.736 3.329 0.250  1.278  40.955 -1.193 -0.295 3.306 1.825   
-0.358 40.975 9 AA_DG9DC10:DG11DC12_BB A 9 ? B 12 ? A 10 ? B 11 ? 
# 
_pdbx_nmr_spectrometer.spectrometer_id   1 
_pdbx_nmr_spectrometer.model             AMX600 
_pdbx_nmr_spectrometer.manufacturer      Bruker 
_pdbx_nmr_spectrometer.field_strength    600 
_pdbx_nmr_spectrometer.type              ? 
# 
_atom_sites.entry_id                    1BWT 
_atom_sites.fract_transf_matrix[1][1]   1.000000 
_atom_sites.fract_transf_matrix[1][2]   0.000000 
_atom_sites.fract_transf_matrix[1][3]   0.000000 
_atom_sites.fract_transf_matrix[2][1]   0.000000 
_atom_sites.fract_transf_matrix[2][2]   1.000000 
_atom_sites.fract_transf_matrix[2][3]   0.000000 
_atom_sites.fract_transf_matrix[3][1]   0.000000 
_atom_sites.fract_transf_matrix[3][2]   0.000000 
_atom_sites.fract_transf_matrix[3][3]   1.000000 
_atom_sites.fract_transf_vector[1]      0.00000 
_atom_sites.fract_transf_vector[2]      0.00000 
_atom_sites.fract_transf_vector[3]      0.00000 
# 
loop_
_atom_type.symbol 
C 
H 
N 
O 
P 
# 
loop_
_atom_site.group_PDB 
_atom_site.id 
_atom_site.type_symbol 
_atom_site.label_atom_id 
_atom_site.label_alt_id 
_atom_site.label_comp_id 
_atom_site.label_asym_id 
_atom_site.label_entity_id 
_atom_site.label_seq_id 
_atom_site.pdbx_PDB_ins_code 
_atom_site.Cartn_x 
_atom_site.Cartn_y 
_atom_site.Cartn_z 
_atom_site.occupancy 
_atom_site.B_iso_or_equiv 
_atom_site.pdbx_formal_charge 
_atom_site.auth_seq_id 
_atom_site.auth_comp_id 
_atom_site.auth_asym_id 
_atom_site.auth_atom_id 
_atom_site.pdbx_PDB_model_num 
ATOM 1   O "O5'"  . DG A 1 1  ? -13.515 2.439   12.839  1.00 0.00 ? 1  DG A "O5'"  1 
ATOM 2   C "C5'"  . DG A 1 1  ? -13.214 2.708   14.194  1.00 0.00 ? 1  DG A "C5'"  1 
ATOM 3   C "C4'"  . DG A 1 1  ? -11.740 2.412   14.503  1.00 0.00 ? 1  DG A "C4'"  1 
ATOM 4   O "O4'"  . DG A 1 1  ? -11.452 1.054   14.194  1.00 0.00 ? 1  DG A "O4'"  1 
ATOM 5   C "C3'"  . DG A 1 1  ? -10.759 3.299   13.729  1.00 0.00 ? 1  DG A "C3'"  1 
ATOM 6   O "O3'"  . DG A 1 1  ? -9.791  3.766   14.661  1.00 0.00 ? 1  DG A "O3'"  1 
ATOM 7   C "C2'"  . DG A 1 1  ? -10.161 2.324   12.701  1.00 0.00 ? 1  DG A "C2'"  1 
ATOM 8   C "C1'"  . DG A 1 1  ? -10.248 0.995   13.448  1.00 0.00 ? 1  DG A "C1'"  1 
ATOM 9   N N9     . DG A 1 1  ? -10.205 -0.203  12.576  1.00 0.00 ? 1  DG A N9     1 
ATOM 10  C C8     . DG A 1 1  ? -11.013 -0.570  11.522  1.00 0.00 ? 1  DG A C8     1 
ATOM 11  N N7     . DG A 1 1  ? -10.718 -1.729  11.004  1.00 0.00 ? 1  DG A N7     1 
ATOM 12  C C5     . DG A 1 1  ? -9.630  -2.171  11.763  1.00 0.00 ? 1  DG A C5     1 
ATOM 13  C C6     . DG A 1 1  ? -8.856  -3.380  11.705  1.00 0.00 ? 1  DG A C6     1 
ATOM 14  O O6     . DG A 1 1  ? -8.983  -4.358  10.972  1.00 0.00 ? 1  DG A O6     1 
ATOM 15  N N1     . DG A 1 1  ? -7.831  -3.414  12.633  1.00 0.00 ? 1  DG A N1     1 
ATOM 16  C C2     . DG A 1 1  ? -7.566  -2.412  13.515  1.00 0.00 ? 1  DG A C2     1 
ATOM 17  N N2     . DG A 1 1  ? -6.527  -2.560  14.301  1.00 0.00 ? 1  DG A N2     1 
ATOM 18  N N3     . DG A 1 1  ? -8.276  -1.289  13.614  1.00 0.00 ? 1  DG A N3     1 
ATOM 19  C C4     . DG A 1 1  ? -9.299  -1.228  12.711  1.00 0.00 ? 1  DG A C4     1 
ATOM 20  H "H5'"  . DG A 1 1  ? -13.843 2.088   14.835  1.00 0.00 ? 1  DG A "H5'"  1 
ATOM 21  H "H5''" . DG A 1 1  ? -13.426 3.757   14.412  1.00 0.00 ? 1  DG A "H5''" 1 
ATOM 22  H "H4'"  . DG A 1 1  ? -11.580 2.587   15.564  1.00 0.00 ? 1  DG A "H4'"  1 
ATOM 23  H "H3'"  . DG A 1 1  ? -11.307 4.137   13.280  1.00 0.00 ? 1  DG A "H3'"  1 
ATOM 24  H "H2'"  . DG A 1 1  ? -10.790 2.324   11.815  1.00 0.00 ? 1  DG A "H2'"  1 
ATOM 25  H "H2''" . DG A 1 1  ? -9.129  2.530   12.417  1.00 0.00 ? 1  DG A "H2''" 1 
ATOM 26  H "H1'"  . DG A 1 1  ? -9.398  0.938   14.142  1.00 0.00 ? 1  DG A "H1'"  1 
ATOM 27  H H8     . DG A 1 1  ? -11.838 0.017   11.143  1.00 0.00 ? 1  DG A H8     1 
ATOM 28  H H1     . DG A 1 1  ? -7.248  -4.244  12.626  1.00 0.00 ? 1  DG A H1     1 
ATOM 29  H H21    . DG A 1 1  ? -5.946  -3.406  14.259  1.00 0.00 ? 1  DG A H21    1 
ATOM 30  H H22    . DG A 1 1  ? -6.319  -1.785  14.903  1.00 0.00 ? 1  DG A H22    1 
ATOM 31  H "HO5'" . DG A 1 1  ? -13.359 1.501   12.689  1.00 0.00 ? 1  DG A "HO5'" 1 
ATOM 32  P P      . DC A 1 2  ? -8.514  4.671   14.248  1.00 0.00 ? 2  DC A P      1 
ATOM 33  O OP1    . DC A 1 2  ? -8.230  5.597   15.368  1.00 0.00 ? 2  DC A OP1    1 
ATOM 34  O OP2    . DC A 1 2  ? -8.730  5.209   12.887  1.00 0.00 ? 2  DC A OP2    1 
ATOM 35  O "O5'"  . DC A 1 2  ? -7.321  3.582   14.176  1.00 0.00 ? 2  DC A "O5'"  1 
ATOM 36  C "C5'"  . DC A 1 2  ? -6.837  2.945   15.349  1.00 0.00 ? 2  DC A "C5'"  1 
ATOM 37  C "C4'"  . DC A 1 2  ? -5.564  2.136   15.069  1.00 0.00 ? 2  DC A "C4'"  1 
ATOM 38  O "O4'"  . DC A 1 2  ? -5.854  1.012   14.256  1.00 0.00 ? 2  DC A "O4'"  1 
ATOM 39  C "C3'"  . DC A 1 2  ? -4.458  2.966   14.404  1.00 0.00 ? 2  DC A "C3'"  1 
ATOM 40  O "O3'"  . DC A 1 2  ? -3.308  2.900   15.236  1.00 0.00 ? 2  DC A "O3'"  1 
ATOM 41  C "C2'"  . DC A 1 2  ? -4.284  2.266   13.061  1.00 0.00 ? 2  DC A "C2'"  1 
ATOM 42  C "C1'"  . DC A 1 2  ? -4.832  0.846   13.293  1.00 0.00 ? 2  DC A "C1'"  1 
ATOM 43  N N1     . DC A 1 2  ? -5.429  0.233   12.075  1.00 0.00 ? 2  DC A N1     1 
ATOM 44  C C2     . DC A 1 2  ? -4.991  -1.027  11.659  1.00 0.00 ? 2  DC A C2     1 
ATOM 45  O O2     . DC A 1 2  ? -4.013  -1.565  12.172  1.00 0.00 ? 2  DC A O2     1 
ATOM 46  N N3     . DC A 1 2  ? -5.653  -1.692  10.679  1.00 0.00 ? 2  DC A N3     1 
ATOM 47  C C4     . DC A 1 2  ? -6.714  -1.131  10.118  1.00 0.00 ? 2  DC A C4     1 
ATOM 48  N N4     . DC A 1 2  ? -7.351  -1.862  9.236   1.00 0.00 ? 2  DC A N4     1 
ATOM 49  C C5     . DC A 1 2  ? -7.204  0.158   10.497  1.00 0.00 ? 2  DC A C5     1 
ATOM 50  C C6     . DC A 1 2  ? -6.511  0.814   11.464  1.00 0.00 ? 2  DC A C6     1 
ATOM 51  H "H5'"  . DC A 1 2  ? -7.604  2.281   15.748  1.00 0.00 ? 2  DC A "H5'"  1 
ATOM 52  H "H5''" . DC A 1 2  ? -6.602  3.701   16.099  1.00 0.00 ? 2  DC A "H5''" 1 
ATOM 53  H "H4'"  . DC A 1 2  ? -5.176  1.744   16.007  1.00 0.00 ? 2  DC A "H4'"  1 
ATOM 54  H "H3'"  . DC A 1 2  ? -4.738  4.016   14.245  1.00 0.00 ? 2  DC A "H3'"  1 
ATOM 55  H "H2'"  . DC A 1 2  ? -4.872  2.857   12.310  1.00 0.00 ? 2  DC A "H2'"  1 
ATOM 56  H "H2''" . DC A 1 2  ? -3.226  2.167   12.840  1.00 0.00 ? 2  DC A "H2''" 1 
ATOM 57  H "H1'"  . DC A 1 2  ? -4.039  0.178   13.705  1.00 0.00 ? 2  DC A "H1'"  1 
ATOM 58  H H41    . DC A 1 2  ? -6.957  -2.785  9.033   1.00 0.00 ? 2  DC A H41    1 
ATOM 59  H H42    . DC A 1 2  ? -8.194  -1.536  8.807   1.00 0.00 ? 2  DC A H42    1 
ATOM 60  H H5     . DC A 1 2  ? -8.090  0.601   10.060  1.00 0.00 ? 2  DC A H5     1 
ATOM 61  H H6     . DC A 1 2  ? -6.798  1.793   11.812  1.00 0.00 ? 2  DC A H6     1 
ATOM 62  P P      . DG A 1 3  ? -1.974  3.773   14.963  1.00 0.00 ? 3  DG A P      1 
ATOM 63  O OP1    . DG A 1 3  ? -1.274  3.961   16.253  1.00 0.00 ? 3  DG A OP1    1 
ATOM 64  O OP2    . DG A 1 3  ? -2.333  4.949   14.140  1.00 0.00 ? 3  DG A OP2    1 
ATOM 65  O "O5'"  . DG A 1 3  ? -1.100  2.774   14.053  1.00 0.00 ? 3  DG A "O5'"  1 
ATOM 66  C "C5'"  . DG A 1 3  ? -0.522  1.603   14.600  1.00 0.00 ? 3  DG A "C5'"  1 
ATOM 67  C "C4'"  . DG A 1 3  ? 0.118   0.733   13.515  1.00 0.00 ? 3  DG A "C4'"  1 
ATOM 68  O "O4'"  . DG A 1 3  ? -0.891  0.125   12.702  1.00 0.00 ? 3  DG A "O4'"  1 
ATOM 69  C "C3'"  . DG A 1 3  ? 1.065   1.494   12.589  1.00 0.00 ? 3  DG A "C3'"  1 
ATOM 70  O "O3'"  . DG A 1 3  ? 2.200   0.668   12.394  1.00 0.00 ? 3  DG A "O3'"  1 
ATOM 71  C "C2'"  . DG A 1 3  ? 0.202   1.644   11.366  1.00 0.00 ? 3  DG A "C2'"  1 
ATOM 72  C "C1'"  . DG A 1 3  ? -0.562  0.335   11.335  1.00 0.00 ? 3  DG A "C1'"  1 
ATOM 73  N N9     . DG A 1 3  ? -1.723  0.332   10.408  1.00 0.00 ? 3  DG A N9     1 
ATOM 74  C C8     . DG A 1 3  ? -2.551  1.355   9.997   1.00 0.00 ? 3  DG A C8     1 
ATOM 75  N N7     . DG A 1 3  ? -3.468  0.992   9.144   1.00 0.00 ? 3  DG A N7     1 
ATOM 76  C C5     . DG A 1 3  ? -3.165  -0.348  8.884   1.00 0.00 ? 3  DG A C5     1 
ATOM 77  C C6     . DG A 1 3  ? -3.740  -1.294  7.965   1.00 0.00 ? 3  DG A C6     1 
ATOM 78  O O6     . DG A 1 3  ? -4.712  -1.177  7.223   1.00 0.00 ? 3  DG A O6     1 
ATOM 79  N N1     . DG A 1 3  ? -3.047  -2.488  7.914   1.00 0.00 ? 3  DG A N1     1 
ATOM 80  C C2     . DG A 1 3  ? -1.953  -2.771  8.672   1.00 0.00 ? 3  DG A C2     1 
ATOM 81  N N2     . DG A 1 3  ? -1.364  -3.926  8.476   1.00 0.00 ? 3  DG A N2     1 
ATOM 82  N N3     . DG A 1 3  ? -1.419  -1.940  9.564   1.00 0.00 ? 3  DG A N3     1 
ATOM 83  C C4     . DG A 1 3  ? -2.069  -0.740  9.622   1.00 0.00 ? 3  DG A C4     1 
ATOM 84  H "H5'"  . DG A 1 3  ? -1.289  1.018   15.111  1.00 0.00 ? 3  DG A "H5'"  1 
ATOM 85  H "H5''" . DG A 1 3  ? 0.241   1.890   15.325  1.00 0.00 ? 3  DG A "H5''" 1 
ATOM 86  H "H4'"  . DG A 1 3  ? 0.706   -0.030  14.010  1.00 0.00 ? 3  DG A "H4'"  1 
ATOM 87  H "H3'"  . DG A 1 3  ? 1.383   2.469   12.912  1.00 0.00 ? 3  DG A "H3'"  1 
ATOM 88  H "H2'"  . DG A 1 3  ? -0.495  2.460   11.518  1.00 0.00 ? 3  DG A "H2'"  1 
ATOM 89  H "H2''" . DG A 1 3  ? 0.808   1.855   10.526  1.00 0.00 ? 3  DG A "H2''" 1 
ATOM 90  H "H1'"  . DG A 1 3  ? 0.120   -0.464  11.011  1.00 0.00 ? 3  DG A "H1'"  1 
ATOM 91  H H8     . DG A 1 3  ? -2.474  2.381   10.329  1.00 0.00 ? 3  DG A H8     1 
ATOM 92  H H1     . DG A 1 3  ? -3.374  -3.165  7.233   1.00 0.00 ? 3  DG A H1     1 
ATOM 93  H H21    . DG A 1 3  ? -1.683  -4.570  7.743   1.00 0.00 ? 3  DG A H21    1 
ATOM 94  H H22    . DG A 1 3  ? -0.544  -4.097  9.026   1.00 0.00 ? 3  DG A H22    1 
ATOM 95  P P      . DA A 1 4  ? 3.536   1.150   11.624  1.00 0.00 ? 4  DA A P      1 
ATOM 96  O OP1    . DA A 1 4  ? 4.693   0.935   12.521  1.00 0.00 ? 4  DA A OP1    1 
ATOM 97  O OP2    . DA A 1 4  ? 3.304   2.478   11.015  1.00 0.00 ? 4  DA A OP2    1 
ATOM 98  O "O5'"  . DA A 1 4  ? 3.587   0.058   10.448  1.00 0.00 ? 4  DA A "O5'"  1 
ATOM 99  C "C5'"  . DA A 1 4  ? 3.799   -1.314  10.737  1.00 0.00 ? 4  DA A "C5'"  1 
ATOM 100 C "C4'"  . DA A 1 4  ? 3.652   -2.145  9.463   1.00 0.00 ? 4  DA A "C4'"  1 
ATOM 101 O "O4'"  . DA A 1 4  ? 2.313   -2.041  9.003   1.00 0.00 ? 4  DA A "O4'"  1 
ATOM 102 C "C3'"  . DA A 1 4  ? 4.627   -1.726  8.365   1.00 0.00 ? 4  DA A "C3'"  1 
ATOM 103 O "O3'"  . DA A 1 4  ? 5.229   -2.896  7.832   1.00 0.00 ? 4  DA A "O3'"  1 
ATOM 104 C "C2'"  . DA A 1 4  ? 3.658   -1.082  7.371   1.00 0.00 ? 4  DA A "C2'"  1 
ATOM 105 C "C1'"  . DA A 1 4  ? 2.331   -1.810  7.615   1.00 0.00 ? 4  DA A "C1'"  1 
ATOM 106 N N9     . DA A 1 4  ? 1.159   -1.000  7.222   1.00 0.00 ? 4  DA A N9     1 
ATOM 107 C C8     . DA A 1 4  ? 0.773   0.250   7.649   1.00 0.00 ? 4  DA A C8     1 
ATOM 108 N N7     . DA A 1 4  ? -0.317  0.694   7.078   1.00 0.00 ? 4  DA A N7     1 
ATOM 109 C C5     . DA A 1 4  ? -0.685  -0.354  6.221   1.00 0.00 ? 4  DA A C5     1 
ATOM 110 C C6     . DA A 1 4  ? -1.754  -0.589  5.321   1.00 0.00 ? 4  DA A C6     1 
ATOM 111 N N6     . DA A 1 4  ? -2.748  0.253   5.074   1.00 0.00 ? 4  DA A N6     1 
ATOM 112 N N1     . DA A 1 4  ? -1.838  -1.748  4.664   1.00 0.00 ? 4  DA A N1     1 
ATOM 113 C C2     . DA A 1 4  ? -0.894  -2.665  4.858   1.00 0.00 ? 4  DA A C2     1 
ATOM 114 N N3     . DA A 1 4  ? 0.170   -2.575  5.646   1.00 0.00 ? 4  DA A N3     1 
ATOM 115 C C4     . DA A 1 4  ? 0.210   -1.389  6.311   1.00 0.00 ? 4  DA A C4     1 
ATOM 116 H "H5'"  . DA A 1 4  ? 3.063   -1.656  11.464  1.00 0.00 ? 4  DA A "H5'"  1 
ATOM 117 H "H5''" . DA A 1 4  ? 4.799   -1.451  11.151  1.00 0.00 ? 4  DA A "H5''" 1 
ATOM 118 H "H4'"  . DA A 1 4  ? 3.860   -3.182  9.672   1.00 0.00 ? 4  DA A "H4'"  1 
ATOM 119 H "H3'"  . DA A 1 4  ? 5.396   -1.044  8.770   1.00 0.00 ? 4  DA A "H3'"  1 
ATOM 120 H "H2'"  . DA A 1 4  ? 3.565   -0.029  7.639   1.00 0.00 ? 4  DA A "H2'"  1 
ATOM 121 H "H2''" . DA A 1 4  ? 3.969   -1.207  6.339   1.00 0.00 ? 4  DA A "H2''" 1 
ATOM 122 H "H1'"  . DA A 1 4  ? 2.285   -2.769  7.072   1.00 0.00 ? 4  DA A "H1'"  1 
ATOM 123 H H8     . DA A 1 4  ? 1.326   0.812   8.393   1.00 0.00 ? 4  DA A H8     1 
ATOM 124 H H61    . DA A 1 4  ? -3.493  -0.040  4.444   1.00 0.00 ? 4  DA A H61    1 
ATOM 125 H H62    . DA A 1 4  ? -2.790  1.119   5.584   1.00 0.00 ? 4  DA A H62    1 
ATOM 126 H H2     . DA A 1 4  ? -0.999  -3.587  4.306   1.00 0.00 ? 4  DA A H2     1 
ATOM 127 P P      . DA A 1 5  ? 6.532   -2.859  6.875   1.00 0.00 ? 5  DA A P      1 
ATOM 128 O OP1    . DA A 1 5  ? 7.642   -3.536  7.580   1.00 0.00 ? 5  DA A OP1    1 
ATOM 129 O OP2    . DA A 1 5  ? 6.711   -1.484  6.358   1.00 0.00 ? 5  DA A OP2    1 
ATOM 130 O "O5'"  . DA A 1 5  ? 6.064   -3.786  5.645   1.00 0.00 ? 5  DA A "O5'"  1 
ATOM 131 C "C5'"  . DA A 1 5  ? 5.798   -5.169  5.816   1.00 0.00 ? 5  DA A "C5'"  1 
ATOM 132 C "C4'"  . DA A 1 5  ? 5.090   -5.716  4.573   1.00 0.00 ? 5  DA A "C4'"  1 
ATOM 133 O "O4'"  . DA A 1 5  ? 3.897   -4.963  4.399   1.00 0.00 ? 5  DA A "O4'"  1 
ATOM 134 C "C3'"  . DA A 1 5  ? 5.943   -5.646  3.301   1.00 0.00 ? 5  DA A "C3'"  1 
ATOM 135 O "O3'"  . DA A 1 5  ? 5.864   -6.909  2.654   1.00 0.00 ? 5  DA A "O3'"  1 
ATOM 136 C "C2'"  . DA A 1 5  ? 5.242   -4.526  2.555   1.00 0.00 ? 5  DA A "C2'"  1 
ATOM 137 C "C1'"  . DA A 1 5  ? 3.802   -4.526  3.062   1.00 0.00 ? 5  DA A "C1'"  1 
ATOM 138 N N9     . DA A 1 5  ? 3.193   -3.170  3.052   1.00 0.00 ? 5  DA A N9     1 
ATOM 139 C C8     . DA A 1 5  ? 3.676   -2.011  3.615   1.00 0.00 ? 5  DA A C8     1 
ATOM 140 N N7     . DA A 1 5  ? 2.907   -0.969  3.479   1.00 0.00 ? 5  DA A N7     1 
ATOM 141 C C5     . DA A 1 5  ? 1.825   -1.479  2.763   1.00 0.00 ? 5  DA A C5     1 
ATOM 142 C C6     . DA A 1 5  ? 0.632   -0.915  2.272   1.00 0.00 ? 5  DA A C6     1 
ATOM 143 N N6     . DA A 1 5  ? 0.303   0.356   2.447   1.00 0.00 ? 5  DA A N6     1 
ATOM 144 N N1     . DA A 1 5  ? -0.238  -1.661  1.585   1.00 0.00 ? 5  DA A N1     1 
ATOM 145 C C2     . DA A 1 5  ? 0.045   -2.948  1.398   1.00 0.00 ? 5  DA A C2     1 
ATOM 146 N N3     . DA A 1 5  ? 1.125   -3.613  1.804   1.00 0.00 ? 5  DA A N3     1 
ATOM 147 C C4     . DA A 1 5  ? 1.985   -2.814  2.494   1.00 0.00 ? 5  DA A C4     1 
ATOM 148 H "H5'"  . DA A 1 5  ? 5.143   -5.311  6.676   1.00 0.00 ? 5  DA A "H5'"  1 
ATOM 149 H "H5''" . DA A 1 5  ? 6.730   -5.710  5.985   1.00 0.00 ? 5  DA A "H5''" 1 
ATOM 150 H "H4'"  . DA A 1 5  ? 4.803   -6.753  4.717   1.00 0.00 ? 5  DA A "H4'"  1 
ATOM 151 H "H3'"  . DA A 1 5  ? 6.996   -5.392  3.476   1.00 0.00 ? 5  DA A "H3'"  1 
ATOM 152 H "H2'"  . DA A 1 5  ? 5.736   -3.587  2.812   1.00 0.00 ? 5  DA A "H2'"  1 
ATOM 153 H "H2''" . DA A 1 5  ? 5.272   -4.735  1.501   1.00 0.00 ? 5  DA A "H2''" 1 
ATOM 154 H "H1'"  . DA A 1 5  ? 3.195   -5.228  2.479   1.00 0.00 ? 5  DA A "H1'"  1 
ATOM 155 H H8     . DA A 1 5  ? 4.615   -1.946  4.134   1.00 0.00 ? 5  DA A H8     1 
ATOM 156 H H61    . DA A 1 5  ? -0.590  0.706   2.093   1.00 0.00 ? 5  DA A H61    1 
ATOM 157 H H62    . DA A 1 5  ? 0.946   0.946   2.946   1.00 0.00 ? 5  DA A H62    1 
ATOM 158 H H2     . DA A 1 5  ? -0.680  -3.516  0.832   1.00 0.00 ? 5  DA A H2     1 
ATOM 159 P P      . DT A 1 6  ? 6.603   -7.239  1.250   1.00 0.00 ? 6  DT A P      1 
ATOM 160 O OP1    . DT A 1 6  ? 6.867   -8.693  1.196   1.00 0.00 ? 6  DT A OP1    1 
ATOM 161 O OP2    . DT A 1 6  ? 7.709   -6.276  1.053   1.00 0.00 ? 6  DT A OP2    1 
ATOM 162 O "O5'"  . DT A 1 6  ? 5.437   -6.896  0.194   1.00 0.00 ? 6  DT A "O5'"  1 
ATOM 163 C "C5'"  . DT A 1 6  ? 4.231   -7.636  0.191   1.00 0.00 ? 6  DT A "C5'"  1 
ATOM 164 C "C4'"  . DT A 1 6  ? 3.187   -6.979  -0.709  1.00 0.00 ? 6  DT A "C4'"  1 
ATOM 165 O "O4'"  . DT A 1 6  ? 2.857   -5.681  -0.235  1.00 0.00 ? 6  DT A "O4'"  1 
ATOM 166 C "C3'"  . DT A 1 6  ? 3.609   -6.868  -2.179  1.00 0.00 ? 6  DT A "C3'"  1 
ATOM 167 O "O3'"  . DT A 1 6  ? 2.844   -7.787  -2.942  1.00 0.00 ? 6  DT A "O3'"  1 
ATOM 168 C "C2'"  . DT A 1 6  ? 3.324   -5.402  -2.496  1.00 0.00 ? 6  DT A "C2'"  1 
ATOM 169 C "C1'"  . DT A 1 6  ? 2.470   -4.886  -1.342  1.00 0.00 ? 6  DT A "C1'"  1 
ATOM 170 N N1     . DT A 1 6  ? 2.734   -3.440  -1.111  1.00 0.00 ? 6  DT A N1     1 
ATOM 171 C C2     . DT A 1 6  ? 1.733   -2.533  -1.454  1.00 0.00 ? 6  DT A C2     1 
ATOM 172 O O2     . DT A 1 6  ? 0.702   -2.850  -2.036  1.00 0.00 ? 6  DT A O2     1 
ATOM 173 N N3     . DT A 1 6  ? 1.965   -1.221  -1.124  1.00 0.00 ? 6  DT A N3     1 
ATOM 174 C C4     . DT A 1 6  ? 3.102   -0.710  -0.536  1.00 0.00 ? 6  DT A C4     1 
ATOM 175 O O4     . DT A 1 6  ? 3.134   0.489   -0.277  1.00 0.00 ? 6  DT A O4     1 
ATOM 176 C C5     . DT A 1 6  ? 4.160   -1.691  -0.301  1.00 0.00 ? 6  DT A C5     1 
ATOM 177 C C7     . DT A 1 6  ? 5.490   -1.235  0.297   1.00 0.00 ? 6  DT A C7     1 
ATOM 178 C C6     . DT A 1 6  ? 3.944   -3.001  -0.613  1.00 0.00 ? 6  DT A C6     1 
ATOM 179 H "H5'"  . DT A 1 6  ? 3.828   -7.684  1.203   1.00 0.00 ? 6  DT A "H5'"  1 
ATOM 180 H "H5''" . DT A 1 6  ? 4.428   -8.650  -0.158  1.00 0.00 ? 6  DT A "H5''" 1 
ATOM 181 H "H4'"  . DT A 1 6  ? 2.285   -7.590  -0.662  1.00 0.00 ? 6  DT A "H4'"  1 
ATOM 182 H "H3'"  . DT A 1 6  ? 4.677   -7.071  -2.309  1.00 0.00 ? 6  DT A "H3'"  1 
ATOM 183 H "H2'"  . DT A 1 6  ? 4.289   -4.887  -2.509  1.00 0.00 ? 6  DT A "H2'"  1 
ATOM 184 H "H2''" . DT A 1 6  ? 2.788   -5.257  -3.429  1.00 0.00 ? 6  DT A "H2''" 1 
ATOM 185 H "H1'"  . DT A 1 6  ? 1.393   -5.043  -1.546  1.00 0.00 ? 6  DT A "H1'"  1 
ATOM 186 H H3     . DT A 1 6  ? 1.233   -0.571  -1.396  1.00 0.00 ? 6  DT A H3     1 
ATOM 187 H H71    . DT A 1 6  ? 5.302   -0.741  1.250   1.00 0.00 ? 6  DT A H71    1 
ATOM 188 H H72    . DT A 1 6  ? 6.195   -2.055  0.464   1.00 0.00 ? 6  DT A H72    1 
ATOM 189 H H73    . DT A 1 6  ? 5.953   -0.498  -0.361  1.00 0.00 ? 6  DT A H73    1 
ATOM 190 H H6     . DT A 1 6  ? 4.705   -3.749  -0.489  1.00 0.00 ? 6  DT A H6     1 
ATOM 191 P P      . DT A 1 7  ? 3.113   -8.058  -4.514  1.00 0.00 ? 7  DT A P      1 
ATOM 192 O OP1    . DT A 1 7  ? 2.561   -9.387  -4.855  1.00 0.00 ? 7  DT A OP1    1 
ATOM 193 O OP2    . DT A 1 7  ? 4.528   -7.744  -4.816  1.00 0.00 ? 7  DT A OP2    1 
ATOM 194 O "O5'"  . DT A 1 7  ? 2.195   -6.938  -5.214  1.00 0.00 ? 7  DT A "O5'"  1 
ATOM 195 C "C5'"  . DT A 1 7  ? 0.787   -6.945  -5.062  1.00 0.00 ? 7  DT A "C5'"  1 
ATOM 196 C "C4'"  . DT A 1 7  ? 0.184   -5.707  -5.727  1.00 0.00 ? 7  DT A "C4'"  1 
ATOM 197 O "O4'"  . DT A 1 7  ? 0.651   -4.539  -5.070  1.00 0.00 ? 7  DT A "O4'"  1 
ATOM 198 C "C3'"  . DT A 1 7  ? 0.519   -5.607  -7.214  1.00 0.00 ? 7  DT A "C3'"  1 
ATOM 199 O "O3'"  . DT A 1 7  ? -0.685  -5.659  -7.967  1.00 0.00 ? 7  DT A "O3'"  1 
ATOM 200 C "C2'"  . DT A 1 7  ? 1.231   -4.269  -7.303  1.00 0.00 ? 7  DT A "C2'"  1 
ATOM 201 C "C1'"  . DT A 1 7  ? 0.873   -3.515  -6.021  1.00 0.00 ? 7  DT A "C1'"  1 
ATOM 202 N N1     . DT A 1 7  ? 1.949   -2.611  -5.529  1.00 0.00 ? 7  DT A N1     1 
ATOM 203 C C2     . DT A 1 7  ? 1.603   -1.279  -5.292  1.00 0.00 ? 7  DT A C2     1 
ATOM 204 O O2     . DT A 1 7  ? 0.533   -0.783  -5.630  1.00 0.00 ? 7  DT A O2     1 
ATOM 205 N N3     . DT A 1 7  ? 2.545   -0.503  -4.666  1.00 0.00 ? 7  DT A N3     1 
ATOM 206 C C4     . DT A 1 7  ? 3.819   -0.891  -4.312  1.00 0.00 ? 7  DT A C4     1 
ATOM 207 O O4     . DT A 1 7  ? 4.536   -0.073  -3.743  1.00 0.00 ? 7  DT A O4     1 
ATOM 208 C C5     . DT A 1 7  ? 4.161   -2.270  -4.679  1.00 0.00 ? 7  DT A C5     1 
ATOM 209 C C7     . DT A 1 7  ? 5.567   -2.811  -4.416  1.00 0.00 ? 7  DT A C7     1 
ATOM 210 C C6     . DT A 1 7  ? 3.226   -3.071  -5.265  1.00 0.00 ? 7  DT A C6     1 
ATOM 211 H "H5'"  . DT A 1 7  ? 0.530   -6.935  -4.002  1.00 0.00 ? 7  DT A "H5'"  1 
ATOM 212 H "H5''" . DT A 1 7  ? 0.374   -7.844  -5.521  1.00 0.00 ? 7  DT A "H5''" 1 
ATOM 213 H "H4'"  . DT A 1 7  ? -0.895  -5.758  -5.642  1.00 0.00 ? 7  DT A "H4'"  1 
ATOM 214 H "H3'"  . DT A 1 7  ? 1.210   -6.403  -7.504  1.00 0.00 ? 7  DT A "H3'"  1 
ATOM 215 H "H2'"  . DT A 1 7  ? 2.283   -4.485  -7.396  1.00 0.00 ? 7  DT A "H2'"  1 
ATOM 216 H "H2''" . DT A 1 7  ? 0.928   -3.706  -8.161  1.00 0.00 ? 7  DT A "H2''" 1 
ATOM 217 H "H1'"  . DT A 1 7  ? -0.046  -2.924  -6.180  1.00 0.00 ? 7  DT A "H1'"  1 
ATOM 218 H H3     . DT A 1 7  ? 2.280   0.468   -4.528  1.00 0.00 ? 7  DT A H3     1 
ATOM 219 H H71    . DT A 1 7  ? 5.645   -3.892  -4.577  1.00 0.00 ? 7  DT A H71    1 
ATOM 220 H H72    . DT A 1 7  ? 6.279   -2.308  -5.070  1.00 0.00 ? 7  DT A H72    1 
ATOM 221 H H73    . DT A 1 7  ? 5.854   -2.594  -3.388  1.00 0.00 ? 7  DT A H73    1 
ATOM 222 H H6     . DT A 1 7  ? 3.469   -4.091  -5.524  1.00 0.00 ? 7  DT A H6     1 
ATOM 223 P P      . DC A 1 8  ? -0.718  -5.611  -9.587  1.00 0.00 ? 8  DC A P      1 
ATOM 224 O OP1    . DC A 1 8  ? -1.973  -6.250  -10.040 1.00 0.00 ? 8  DC A OP1    1 
ATOM 225 O OP2    . DC A 1 8  ? 0.583   -6.095  -10.098 1.00 0.00 ? 8  DC A OP2    1 
ATOM 226 O "O5'"  . DC A 1 8  ? -0.819  -4.029  -9.895  1.00 0.00 ? 8  DC A "O5'"  1 
ATOM 227 C "C5'"  . DC A 1 8  ? -1.983  -3.287  -9.576  1.00 0.00 ? 8  DC A "C5'"  1 
ATOM 228 C "C4'"  . DC A 1 8  ? -1.780  -1.800  -9.875  1.00 0.00 ? 8  DC A "C4'"  1 
ATOM 229 O "O4'"  . DC A 1 8  ? -0.852  -1.219  -8.969  1.00 0.00 ? 8  DC A "O4'"  1 
ATOM 230 C "C3'"  . DC A 1 8  ? -1.363  -1.503  -11.317 1.00 0.00 ? 8  DC A "C3'"  1 
ATOM 231 O "O3'"  . DC A 1 8  ? -2.420  -0.821  -11.979 1.00 0.00 ? 8  DC A "O3'"  1 
ATOM 232 C "C2'"  . DC A 1 8  ? -0.127  -0.628  -11.111 1.00 0.00 ? 8  DC A "C2'"  1 
ATOM 233 C "C1'"  . DC A 1 8  ? -0.136  -0.195  -9.630  1.00 0.00 ? 8  DC A "C1'"  1 
ATOM 234 N N1     . DC A 1 8  ? 1.238   -0.086  -9.069  1.00 0.00 ? 8  DC A N1     1 
ATOM 235 C C2     . DC A 1 8  ? 1.657   1.127   -8.509  1.00 0.00 ? 8  DC A C2     1 
ATOM 236 O O2     . DC A 1 8  ? 0.963   2.142   -8.562  1.00 0.00 ? 8  DC A O2     1 
ATOM 237 N N3     . DC A 1 8  ? 2.870   1.215   -7.908  1.00 0.00 ? 8  DC A N3     1 
ATOM 238 C C4     . DC A 1 8  ? 3.662   0.157   -7.889  1.00 0.00 ? 8  DC A C4     1 
ATOM 239 N N4     . DC A 1 8  ? 4.808   0.291   -7.271  1.00 0.00 ? 8  DC A N4     1 
ATOM 240 C C5     . DC A 1 8  ? 3.301   -1.089  -8.486  1.00 0.00 ? 8  DC A C5     1 
ATOM 241 C C6     . DC A 1 8  ? 2.086   -1.165  -9.080  1.00 0.00 ? 8  DC A C6     1 
ATOM 242 H "H5'"  . DC A 1 8  ? -2.217  -3.407  -8.518  1.00 0.00 ? 8  DC A "H5'"  1 
ATOM 243 H "H5''" . DC A 1 8  ? -2.820  -3.661  -10.168 1.00 0.00 ? 8  DC A "H5''" 1 
ATOM 244 H "H4'"  . DC A 1 8  ? -2.717  -1.270  -9.722  1.00 0.00 ? 8  DC A "H4'"  1 
ATOM 245 H "H3'"  . DC A 1 8  ? -1.118  -2.423  -11.874 1.00 0.00 ? 8  DC A "H3'"  1 
ATOM 246 H "H2'"  . DC A 1 8  ? 0.768   -1.242  -11.422 1.00 0.00 ? 8  DC A "H2'"  1 
ATOM 247 H "H2''" . DC A 1 8  ? -0.284  0.307   -11.637 1.00 0.00 ? 8  DC A "H2''" 1 
ATOM 248 H "H1'"  . DC A 1 8  ? -0.668  0.786   -9.479  1.00 0.00 ? 8  DC A "H1'"  1 
ATOM 249 H H41    . DC A 1 8  ? 4.998   1.214   -6.868  1.00 0.00 ? 8  DC A H41    1 
ATOM 250 H H42    . DC A 1 8  ? 5.481   -0.448  -7.252  1.00 0.00 ? 8  DC A H42    1 
ATOM 251 H H5     . DC A 1 8  ? 3.952   -1.943  -8.484  1.00 0.00 ? 8  DC A H5     1 
ATOM 252 H H6     . DC A 1 8  ? 1.766   -2.073  -9.573  1.00 0.00 ? 8  DC A H6     1 
ATOM 253 P P      . DG A 1 9  ? -2.367  -0.439  -13.553 1.00 0.00 ? 9  DG A P      1 
ATOM 254 O OP1    . DG A 1 9  ? -3.753  -0.439  -14.072 1.00 0.00 ? 9  DG A OP1    1 
ATOM 255 O OP2    . DG A 1 9  ? -1.336  -1.272  -14.209 1.00 0.00 ? 9  DG A OP2    1 
ATOM 256 O "O5'"  . DG A 1 9  ? -1.835  1.085   -13.542 1.00 0.00 ? 9  DG A "O5'"  1 
ATOM 257 C "C5'"  . DG A 1 9  ? -2.638  2.143   -13.048 1.00 0.00 ? 9  DG A "C5'"  1 
ATOM 258 C "C4'"  . DG A 1 9  ? -1.913  3.490   -13.172 1.00 0.00 ? 9  DG A "C4'"  1 
ATOM 259 O "O4'"  . DG A 1 9  ? -0.784  3.492   -12.308 1.00 0.00 ? 9  DG A "O4'"  1 
ATOM 260 C "C3'"  . DG A 1 9  ? -1.461  3.796   -14.601 1.00 0.00 ? 9  DG A "C3'"  1 
ATOM 261 O "O3'"  . DG A 1 9  ? -1.769  5.161   -14.866 1.00 0.00 ? 9  DG A "O3'"  1 
ATOM 262 C "C2'"  . DG A 1 9  ? 0.043   3.552   -14.487 1.00 0.00 ? 9  DG A "C2'"  1 
ATOM 263 C "C1'"  . DG A 1 9  ? 0.375   3.884   -13.022 1.00 0.00 ? 9  DG A "C1'"  1 
ATOM 264 N N9     . DG A 1 9  ? 1.551   3.157   -12.484 1.00 0.00 ? 9  DG A N9     1 
ATOM 265 C C8     . DG A 1 9  ? 1.922   1.840   -12.627 1.00 0.00 ? 9  DG A C8     1 
ATOM 266 N N7     . DG A 1 9  ? 2.991   1.508   -11.957 1.00 0.00 ? 9  DG A N7     1 
ATOM 267 C C5     . DG A 1 9  ? 3.388   2.702   -11.344 1.00 0.00 ? 9  DG A C5     1 
ATOM 268 C C6     . DG A 1 9  ? 4.511   3.022   -10.501 1.00 0.00 ? 9  DG A C6     1 
ATOM 269 O O6     . DG A 1 9  ? 5.401   2.294   -10.067 1.00 0.00 ? 9  DG A O6     1 
ATOM 270 N N1     . DG A 1 9  ? 4.572   4.361   -10.161 1.00 0.00 ? 9  DG A N1     1 
ATOM 271 C C2     . DG A 1 9  ? 3.660   5.290   -10.558 1.00 0.00 ? 9  DG A C2     1 
ATOM 272 N N2     . DG A 1 9  ? 3.851   6.530   -10.176 1.00 0.00 ? 9  DG A N2     1 
ATOM 273 N N3     . DG A 1 9  ? 2.604   5.033   -11.326 1.00 0.00 ? 9  DG A N3     1 
ATOM 274 C C4     . DG A 1 9  ? 2.521   3.719   -11.687 1.00 0.00 ? 9  DG A C4     1 
ATOM 275 H "H5'"  . DG A 1 9  ? -2.875  1.963   -12.000 1.00 0.00 ? 9  DG A "H5'"  1 
ATOM 276 H "H5''" . DG A 1 9  ? -3.568  2.187   -13.617 1.00 0.00 ? 9  DG A "H5''" 1 
ATOM 277 H "H4'"  . DG A 1 9  ? -2.589  4.280   -12.869 1.00 0.00 ? 9  DG A "H4'"  1 
ATOM 278 H "H3'"  . DG A 1 9  ? -1.958  3.147   -15.337 1.00 0.00 ? 9  DG A "H3'"  1 
ATOM 279 H "H2'"  . DG A 1 9  ? 0.239   2.500   -14.693 1.00 0.00 ? 9  DG A "H2'"  1 
ATOM 280 H "H2''" . DG A 1 9  ? 0.590   4.152   -15.197 1.00 0.00 ? 9  DG A "H2''" 1 
ATOM 281 H "H1'"  . DG A 1 9  ? 0.550   4.966   -12.867 1.00 0.00 ? 9  DG A "H1'"  1 
ATOM 282 H H8     . DG A 1 9  ? 1.375   1.129   -13.229 1.00 0.00 ? 9  DG A H8     1 
ATOM 283 H H1     . DG A 1 9  ? 5.361   4.640   -9.587  1.00 0.00 ? 9  DG A H1     1 
ATOM 284 H H21    . DG A 1 9  ? 4.653   6.780   -9.584  1.00 0.00 ? 9  DG A H21    1 
ATOM 285 H H22    . DG A 1 9  ? 3.155   7.193   -10.450 1.00 0.00 ? 9  DG A H22    1 
ATOM 286 P P      . DC A 1 10 ? -1.364  5.921   -16.241 1.00 0.00 ? 10 DC A P      1 
ATOM 287 O OP1    . DC A 1 10 ? -2.405  6.931   -16.532 1.00 0.00 ? 10 DC A OP1    1 
ATOM 288 O OP2    . DC A 1 10 ? -1.017  4.906   -17.261 1.00 0.00 ? 10 DC A OP2    1 
ATOM 289 O "O5'"  . DC A 1 10 ? -0.007  6.694   -15.815 1.00 0.00 ? 10 DC A "O5'"  1 
ATOM 290 C "C5'"  . DC A 1 10 ? -0.050  7.844   -14.985 1.00 0.00 ? 10 DC A "C5'"  1 
ATOM 291 C "C4'"  . DC A 1 10 ? 1.350   8.361   -14.634 1.00 0.00 ? 10 DC A "C4'"  1 
ATOM 292 O "O4'"  . DC A 1 10 ? 2.069   7.382   -13.904 1.00 0.00 ? 10 DC A "O4'"  1 
ATOM 293 C "C3'"  . DC A 1 10 ? 2.223   8.694   -15.846 1.00 0.00 ? 10 DC A "C3'"  1 
ATOM 294 O "O3'"  . DC A 1 10 ? 2.080   10.050  -16.227 1.00 0.00 ? 10 DC A "O3'"  1 
ATOM 295 C "C2'"  . DC A 1 10 ? 3.645   8.402   -15.369 1.00 0.00 ? 10 DC A "C2'"  1 
ATOM 296 C "C1'"  . DC A 1 10 ? 3.463   7.589   -14.083 1.00 0.00 ? 10 DC A "C1'"  1 
ATOM 297 N N1     . DC A 1 10 ? 4.177   6.286   -14.098 1.00 0.00 ? 10 DC A N1     1 
ATOM 298 C C2     . DC A 1 10 ? 5.344   6.123   -13.345 1.00 0.00 ? 10 DC A C2     1 
ATOM 299 O O2     . DC A 1 10 ? 5.881   7.071   -12.772 1.00 0.00 ? 10 DC A O2     1 
ATOM 300 N N3     . DC A 1 10 ? 5.913   4.896   -13.241 1.00 0.00 ? 10 DC A N3     1 
ATOM 301 C C4     . DC A 1 10 ? 5.365   3.869   -13.870 1.00 0.00 ? 10 DC A C4     1 
ATOM 302 N N4     . DC A 1 10 ? 5.924   2.702   -13.671 1.00 0.00 ? 10 DC A N4     1 
ATOM 303 C C5     . DC A 1 10 ? 4.206   3.995   -14.694 1.00 0.00 ? 10 DC A C5     1 
ATOM 304 C C6     . DC A 1 10 ? 3.650   5.228   -14.781 1.00 0.00 ? 10 DC A C6     1 
ATOM 305 H "H5'"  . DC A 1 10 ? -0.573  7.601   -14.060 1.00 0.00 ? 10 DC A "H5'"  1 
ATOM 306 H "H5''" . DC A 1 10 ? -0.597  8.636   -15.498 1.00 0.00 ? 10 DC A "H5''" 1 
ATOM 307 H "H4'"  . DC A 1 10 ? 1.232   9.266   -14.033 1.00 0.00 ? 10 DC A "H4'"  1 
ATOM 308 H "H3'"  . DC A 1 10 ? 1.979   8.028   -16.669 1.00 0.00 ? 10 DC A "H3'"  1 
ATOM 309 H "HO3'" . DC A 1 10 ? 2.627   10.227  -16.998 1.00 0.00 ? 10 DC A "HO3'" 1 
ATOM 310 H "H2'"  . DC A 1 10 ? 4.192   7.842   -16.130 1.00 0.00 ? 10 DC A "H2'"  1 
ATOM 311 H "H2''" . DC A 1 10 ? 4.175   9.326   -15.137 1.00 0.00 ? 10 DC A "H2''" 1 
ATOM 312 H "H1'"  . DC A 1 10 ? 3.850   8.166   -13.253 1.00 0.00 ? 10 DC A "H1'"  1 
ATOM 313 H H41    . DC A 1 10 ? 6.730   2.687   -13.038 1.00 0.00 ? 10 DC A H41    1 
ATOM 314 H H42    . DC A 1 10 ? 5.501   1.862   -14.014 1.00 0.00 ? 10 DC A H42    1 
ATOM 315 H H5     . DC A 1 10 ? 3.773   3.158   -15.217 1.00 0.00 ? 10 DC A H5     1 
ATOM 316 H H6     . DC A 1 10 ? 2.768   5.432   -15.359 1.00 0.00 ? 10 DC A H6     1 
ATOM 317 O "O5'"  . DG B 1 1  ? 15.903  3.822   -8.939  1.00 0.00 ? 11 DG B "O5'"  1 
ATOM 318 C "C5'"  . DG B 1 1  ? 16.225  5.153   -9.296  1.00 0.00 ? 11 DG B "C5'"  1 
ATOM 319 C "C4'"  . DG B 1 1  ? 14.995  6.066   -9.196  1.00 0.00 ? 11 DG B "C4'"  1 
ATOM 320 O "O4'"  . DG B 1 1  ? 13.960  5.567   -10.033 1.00 0.00 ? 11 DG B "O4'"  1 
ATOM 321 C "C3'"  . DG B 1 1  ? 14.437  6.193   -7.774  1.00 0.00 ? 11 DG B "C3'"  1 
ATOM 322 O "O3'"  . DG B 1 1  ? 14.193  7.575   -7.543  1.00 0.00 ? 11 DG B "O3'"  1 
ATOM 323 C "C2'"  . DG B 1 1  ? 13.140  5.371   -7.842  1.00 0.00 ? 11 DG B "C2'"  1 
ATOM 324 C "C1'"  . DG B 1 1  ? 12.745  5.554   -9.303  1.00 0.00 ? 11 DG B "C1'"  1 
ATOM 325 N N9     . DG B 1 1  ? 11.801  4.538   -9.826  1.00 0.00 ? 11 DG B N9     1 
ATOM 326 C C8     . DG B 1 1  ? 11.909  3.166   -9.884  1.00 0.00 ? 11 DG B C8     1 
ATOM 327 N N7     . DG B 1 1  ? 10.911  2.578   -10.483 1.00 0.00 ? 11 DG B N7     1 
ATOM 328 C C5     . DG B 1 1  ? 10.068  3.631   -10.847 1.00 0.00 ? 11 DG B C5     1 
ATOM 329 C C6     . DG B 1 1  ? 8.816   3.652   -11.555 1.00 0.00 ? 11 DG B C6     1 
ATOM 330 O O6     . DG B 1 1  ? 8.181   2.726   -12.051 1.00 0.00 ? 11 DG B O6     1 
ATOM 331 N N1     . DG B 1 1  ? 8.286   4.922   -11.682 1.00 0.00 ? 11 DG B N1     1 
ATOM 332 C C2     . DG B 1 1  ? 8.875   6.049   -11.197 1.00 0.00 ? 11 DG B C2     1 
ATOM 333 N N2     . DG B 1 1  ? 8.230   7.180   -11.347 1.00 0.00 ? 11 DG B N2     1 
ATOM 334 N N3     . DG B 1 1  ? 10.048  6.073   -10.564 1.00 0.00 ? 11 DG B N3     1 
ATOM 335 C C4     . DG B 1 1  ? 10.597  4.830   -10.421 1.00 0.00 ? 11 DG B C4     1 
ATOM 336 H "H5'"  . DG B 1 1  ? 16.599  5.173   -10.322 1.00 0.00 ? 11 DG B "H5'"  1 
ATOM 337 H "H5''" . DG B 1 1  ? 17.008  5.527   -8.635  1.00 0.00 ? 11 DG B "H5''" 1 
ATOM 338 H "H4'"  . DG B 1 1  ? 15.289  7.059   -9.529  1.00 0.00 ? 11 DG B "H4'"  1 
ATOM 339 H "H3'"  . DG B 1 1  ? 15.171  5.804   -7.060  1.00 0.00 ? 11 DG B "H3'"  1 
ATOM 340 H "H2'"  . DG B 1 1  ? 13.373  4.331   -7.624  1.00 0.00 ? 11 DG B "H2'"  1 
ATOM 341 H "H2''" . DG B 1 1  ? 12.342  5.716   -7.185  1.00 0.00 ? 11 DG B "H2''" 1 
ATOM 342 H "H1'"  . DG B 1 1  ? 12.269  6.536   -9.397  1.00 0.00 ? 11 DG B "H1'"  1 
ATOM 343 H H8     . DG B 1 1  ? 12.742  2.599   -9.496  1.00 0.00 ? 11 DG B H8     1 
ATOM 344 H H1     . DG B 1 1  ? 7.399   4.987   -12.170 1.00 0.00 ? 11 DG B H1     1 
ATOM 345 H H21    . DG B 1 1  ? 7.322   7.211   -11.825 1.00 0.00 ? 11 DG B H21    1 
ATOM 346 H H22    . DG B 1 1  ? 8.657   7.986   -10.929 1.00 0.00 ? 11 DG B H22    1 
ATOM 347 H "HO5'" . DG B 1 1  ? 15.238  3.510   -9.561  1.00 0.00 ? 11 DG B "HO5'" 1 
ATOM 348 P P      . DC B 1 2  ? 13.536  8.154   -6.183  1.00 0.00 ? 12 DC B P      1 
ATOM 349 O OP1    . DC B 1 2  ? 14.154  9.467   -5.898  1.00 0.00 ? 12 DC B OP1    1 
ATOM 350 O OP2    . DC B 1 2  ? 13.556  7.093   -5.151  1.00 0.00 ? 12 DC B OP2    1 
ATOM 351 O "O5'"  . DC B 1 2  ? 11.997  8.403   -6.619  1.00 0.00 ? 12 DC B "O5'"  1 
ATOM 352 C "C5'"  . DC B 1 2  ? 11.653  9.420   -7.547  1.00 0.00 ? 12 DC B "C5'"  1 
ATOM 353 C "C4'"  . DC B 1 2  ? 10.137  9.628   -7.616  1.00 0.00 ? 12 DC B "C4'"  1 
ATOM 354 O "O4'"  . DC B 1 2  ? 9.505   8.509   -8.209  1.00 0.00 ? 12 DC B "O4'"  1 
ATOM 355 C "C3'"  . DC B 1 2  ? 9.502   9.895   -6.245  1.00 0.00 ? 12 DC B "C3'"  1 
ATOM 356 O "O3'"  . DC B 1 2  ? 8.827   11.142  -6.336  1.00 0.00 ? 12 DC B "O3'"  1 
ATOM 357 C "C2'"  . DC B 1 2  ? 8.576   8.696   -6.067  1.00 0.00 ? 12 DC B "C2'"  1 
ATOM 358 C "C1'"  . DC B 1 2  ? 8.318   8.205   -7.503  1.00 0.00 ? 12 DC B "C1'"  1 
ATOM 359 N N1     . DC B 1 2  ? 8.100   6.738   -7.610  1.00 0.00 ? 12 DC B N1     1 
ATOM 360 C C2     . DC B 1 2  ? 6.986   6.259   -8.304  1.00 0.00 ? 12 DC B C2     1 
ATOM 361 O O2     . DC B 1 2  ? 6.094   7.015   -8.684  1.00 0.00 ? 12 DC B O2     1 
ATOM 362 N N3     . DC B 1 2  ? 6.875   4.937   -8.587  1.00 0.00 ? 12 DC B N3     1 
ATOM 363 C C4     . DC B 1 2  ? 7.830   4.108   -8.194  1.00 0.00 ? 12 DC B C4     1 
ATOM 364 N N4     . DC B 1 2  ? 7.697   2.861   -8.574  1.00 0.00 ? 12 DC B N4     1 
ATOM 365 C C5     . DC B 1 2  ? 8.991   4.541   -7.483  1.00 0.00 ? 12 DC B C5     1 
ATOM 366 C C6     . DC B 1 2  ? 9.074   5.865   -7.198  1.00 0.00 ? 12 DC B C6     1 
ATOM 367 H "H5'"  . DC B 1 2  ? 12.028  9.156   -8.536  1.00 0.00 ? 12 DC B "H5'"  1 
ATOM 368 H "H5''" . DC B 1 2  ? 12.113  10.360  -7.237  1.00 0.00 ? 12 DC B "H5''" 1 
ATOM 369 H "H4'"  . DC B 1 2  ? 9.918   10.477  -8.263  1.00 0.00 ? 12 DC B "H4'"  1 
ATOM 370 H "H3'"  . DC B 1 2  ? 10.232  9.927   -5.427  1.00 0.00 ? 12 DC B "H3'"  1 
ATOM 371 H "H2'"  . DC B 1 2  ? 9.121   7.954   -5.427  1.00 0.00 ? 12 DC B "H2'"  1 
ATOM 372 H "H2''" . DC B 1 2  ? 7.623   9.029   -5.664  1.00 0.00 ? 12 DC B "H2''" 1 
ATOM 373 H "H1'"  . DC B 1 2  ? 7.459   8.751   -7.958  1.00 0.00 ? 12 DC B "H1'"  1 
ATOM 374 H H41    . DC B 1 2  ? 6.852   2.636   -9.109  1.00 0.00 ? 12 DC B H41    1 
ATOM 375 H H42    . DC B 1 2  ? 8.403   2.179   -8.377  1.00 0.00 ? 12 DC B H42    1 
ATOM 376 H H5     . DC B 1 2  ? 9.792   3.876   -7.191  1.00 0.00 ? 12 DC B H5     1 
ATOM 377 H H6     . DC B 1 2  ? 9.919   6.281   -6.675  1.00 0.00 ? 12 DC B H6     1 
ATOM 378 P P      . DG B 1 3  ? 8.141   11.868  -5.066  1.00 0.00 ? 13 DG B P      1 
ATOM 379 O OP1    . DG B 1 3  ? 8.111   13.325  -5.326  1.00 0.00 ? 13 DG B OP1    1 
ATOM 380 O OP2    . DG B 1 3  ? 8.760   11.350  -3.827  1.00 0.00 ? 13 DG B OP2    1 
ATOM 381 O "O5'"  . DG B 1 3  ? 6.637   11.308  -5.150  1.00 0.00 ? 13 DG B "O5'"  1 
ATOM 382 C "C5'"  . DG B 1 3  ? 5.756   11.707  -6.185  1.00 0.00 ? 13 DG B "C5'"  1 
ATOM 383 C "C4'"  . DG B 1 3  ? 4.447   10.914  -6.139  1.00 0.00 ? 13 DG B "C4'"  1 
ATOM 384 O "O4'"  . DG B 1 3  ? 4.675   9.562   -6.553  1.00 0.00 ? 13 DG B "O4'"  1 
ATOM 385 C "C3'"  . DG B 1 3  ? 3.825   10.864  -4.742  1.00 0.00 ? 13 DG B "C3'"  1 
ATOM 386 O "O3'"  . DG B 1 3  ? 2.428   10.995  -4.913  1.00 0.00 ? 13 DG B "O3'"  1 
ATOM 387 C "C2'"  . DG B 1 3  ? 4.228   9.483   -4.294  1.00 0.00 ? 13 DG B "C2'"  1 
ATOM 388 C "C1'"  . DG B 1 3  ? 4.115   8.683   -5.583  1.00 0.00 ? 13 DG B "C1'"  1 
ATOM 389 N N9     . DG B 1 3  ? 4.725   7.330   -5.518  1.00 0.00 ? 13 DG B N9     1 
ATOM 390 C C8     . DG B 1 3  ? 5.750   6.848   -4.733  1.00 0.00 ? 13 DG B C8     1 
ATOM 391 N N7     . DG B 1 3  ? 6.019   5.587   -4.912  1.00 0.00 ? 13 DG B N7     1 
ATOM 392 C C5     . DG B 1 3  ? 5.029   5.161   -5.799  1.00 0.00 ? 13 DG B C5     1 
ATOM 393 C C6     . DG B 1 3  ? 4.720   3.859   -6.319  1.00 0.00 ? 13 DG B C6     1 
ATOM 394 O O6     . DG B 1 3  ? 5.315   2.793   -6.173  1.00 0.00 ? 13 DG B O6     1 
ATOM 395 N N1     . DG B 1 3  ? 3.558   3.836   -7.064  1.00 0.00 ? 13 DG B N1     1 
ATOM 396 C C2     . DG B 1 3  ? 2.786   4.927   -7.313  1.00 0.00 ? 13 DG B C2     1 
ATOM 397 N N2     . DG B 1 3  ? 1.675   4.734   -7.981  1.00 0.00 ? 13 DG B N2     1 
ATOM 398 N N3     . DG B 1 3  ? 3.064   6.161   -6.888  1.00 0.00 ? 13 DG B N3     1 
ATOM 399 C C4     . DG B 1 3  ? 4.201   6.214   -6.131  1.00 0.00 ? 13 DG B C4     1 
ATOM 400 H "H5'"  . DG B 1 3  ? 6.229   11.548  -7.155  1.00 0.00 ? 13 DG B "H5'"  1 
ATOM 401 H "H5''" . DG B 1 3  ? 5.536   12.770  -6.070  1.00 0.00 ? 13 DG B "H5''" 1 
ATOM 402 H "H4'"  . DG B 1 3  ? 3.735   11.405  -6.802  1.00 0.00 ? 13 DG B "H4'"  1 
ATOM 403 H "H3'"  . DG B 1 3  ? 4.161   11.595  -4.028  1.00 0.00 ? 13 DG B "H3'"  1 
ATOM 404 H "H2'"  . DG B 1 3  ? 5.258   9.489   -3.941  1.00 0.00 ? 13 DG B "H2'"  1 
ATOM 405 H "H2''" . DG B 1 3  ? 3.607   9.173   -3.499  1.00 0.00 ? 13 DG B "H2''" 1 
ATOM 406 H "H1'"  . DG B 1 3  ? 3.051   8.547   -5.829  1.00 0.00 ? 13 DG B "H1'"  1 
ATOM 407 H H8     . DG B 1 3  ? 6.304   7.435   -4.016  1.00 0.00 ? 13 DG B H8     1 
ATOM 408 H H1     . DG B 1 3  ? 3.261   2.924   -7.396  1.00 0.00 ? 13 DG B H1     1 
ATOM 409 H H21    . DG B 1 3  ? 1.370   3.788   -8.241  1.00 0.00 ? 13 DG B H21    1 
ATOM 410 H H22    . DG B 1 3  ? 1.103   5.542   -8.129  1.00 0.00 ? 13 DG B H22    1 
ATOM 411 P P      . DA B 1 4  ? 1.409   11.328  -3.706  1.00 0.00 ? 14 DA B P      1 
ATOM 412 O OP1    . DA B 1 4  ? 0.859   12.684  -3.918  1.00 0.00 ? 14 DA B OP1    1 
ATOM 413 O OP2    . DA B 1 4  ? 2.037   10.969  -2.416  1.00 0.00 ? 14 DA B OP2    1 
ATOM 414 O "O5'"  . DA B 1 4  ? 0.267   10.247  -4.028  1.00 0.00 ? 14 DA B "O5'"  1 
ATOM 415 C "C5'"  . DA B 1 4  ? -0.431  10.274  -5.260  1.00 0.00 ? 14 DA B "C5'"  1 
ATOM 416 C "C4'"  . DA B 1 4  ? -1.075  8.913   -5.507  1.00 0.00 ? 14 DA B "C4'"  1 
ATOM 417 O "O4'"  . DA B 1 4  ? -0.054  7.921   -5.529  1.00 0.00 ? 14 DA B "O4'"  1 
ATOM 418 C "C3'"  . DA B 1 4  ? -2.131  8.558   -4.466  1.00 0.00 ? 14 DA B "C3'"  1 
ATOM 419 O "O3'"  . DA B 1 4  ? -3.311  8.144   -5.128  1.00 0.00 ? 14 DA B "O3'"  1 
ATOM 420 C "C2'"  . DA B 1 4  ? -1.431  7.411   -3.731  1.00 0.00 ? 14 DA B "C2'"  1 
ATOM 421 C "C1'"  . DA B 1 4  ? -0.485  6.809   -4.775  1.00 0.00 ? 14 DA B "C1'"  1 
ATOM 422 N N9     . DA B 1 4  ? 0.669   6.067   -4.200  1.00 0.00 ? 14 DA B N9     1 
ATOM 423 C C8     . DA B 1 4  ? 1.727   6.513   -3.435  1.00 0.00 ? 14 DA B C8     1 
ATOM 424 N N7     . DA B 1 4  ? 2.603   5.593   -3.133  1.00 0.00 ? 14 DA B N7     1 
ATOM 425 C C5     . DA B 1 4  ? 2.091   4.447   -3.750  1.00 0.00 ? 14 DA B C5     1 
ATOM 426 C C6     . DA B 1 4  ? 2.527   3.107   -3.869  1.00 0.00 ? 14 DA B C6     1 
ATOM 427 N N6     . DA B 1 4  ? 3.652   2.634   -3.349  1.00 0.00 ? 14 DA B N6     1 
ATOM 428 N N1     . DA B 1 4  ? 1.811   2.228   -4.575  1.00 0.00 ? 14 DA B N1     1 
ATOM 429 C C2     . DA B 1 4  ? 0.684   2.638   -5.148  1.00 0.00 ? 14 DA B C2     1 
ATOM 430 N N3     . DA B 1 4  ? 0.148   3.854   -5.111  1.00 0.00 ? 14 DA B N3     1 
ATOM 431 C C4     . DA B 1 4  ? 0.913   4.725   -4.394  1.00 0.00 ? 14 DA B C4     1 
ATOM 432 H "H5'"  . DA B 1 4  ? 0.260   10.473  -6.079  1.00 0.00 ? 14 DA B "H5'"  1 
ATOM 433 H "H5''" . DA B 1 4  ? -1.190  11.056  -5.240  1.00 0.00 ? 14 DA B "H5''" 1 
ATOM 434 H "H4'"  . DA B 1 4  ? -1.581  8.922   -6.462  1.00 0.00 ? 14 DA B "H4'"  1 
ATOM 435 H "H3'"  . DA B 1 4  ? -2.373  9.433   -3.844  1.00 0.00 ? 14 DA B "H3'"  1 
ATOM 436 H "H2'"  . DA B 1 4  ? -0.885  7.815   -2.886  1.00 0.00 ? 14 DA B "H2'"  1 
ATOM 437 H "H2''" . DA B 1 4  ? -2.124  6.660   -3.388  1.00 0.00 ? 14 DA B "H2''" 1 
ATOM 438 H "H1'"  . DA B 1 4  ? -1.035  6.123   -5.433  1.00 0.00 ? 14 DA B "H1'"  1 
ATOM 439 H H8     . DA B 1 4  ? 1.864   7.533   -3.105  1.00 0.00 ? 14 DA B H8     1 
ATOM 440 H H61    . DA B 1 4  ? 3.934   1.671   -3.533  1.00 0.00 ? 14 DA B H61    1 
ATOM 441 H H62    . DA B 1 4  ? 4.256   3.271   -2.857  1.00 0.00 ? 14 DA B H62    1 
ATOM 442 H H2     . DA B 1 4  ? 0.133   1.893   -5.705  1.00 0.00 ? 14 DA B H2     1 
ATOM 443 P P      . DA B 1 5  ? -4.726  8.003   -4.355  1.00 0.00 ? 15 DA B P      1 
ATOM 444 O OP1    . DA B 1 5  ? -5.761  8.697   -5.152  1.00 0.00 ? 15 DA B OP1    1 
ATOM 445 O OP2    . DA B 1 5  ? -4.537  8.347   -2.929  1.00 0.00 ? 15 DA B OP2    1 
ATOM 446 O "O5'"  . DA B 1 5  ? -4.980  6.422   -4.451  1.00 0.00 ? 15 DA B "O5'"  1 
ATOM 447 C "C5'"  . DA B 1 5  ? -5.274  5.807   -5.691  1.00 0.00 ? 15 DA B "C5'"  1 
ATOM 448 C "C4'"  . DA B 1 5  ? -5.302  4.292   -5.510  1.00 0.00 ? 15 DA B "C4'"  1 
ATOM 449 O "O4'"  . DA B 1 5  ? -3.996  3.846   -5.152  1.00 0.00 ? 15 DA B "O4'"  1 
ATOM 450 C "C3'"  . DA B 1 5  ? -6.342  3.831   -4.482  1.00 0.00 ? 15 DA B "C3'"  1 
ATOM 451 O "O3'"  . DA B 1 5  ? -7.187  2.893   -5.129  1.00 0.00 ? 15 DA B "O3'"  1 
ATOM 452 C "C2'"  . DA B 1 5  ? -5.403  3.241   -3.442  1.00 0.00 ? 15 DA B "C2'"  1 
ATOM 453 C "C1'"  . DA B 1 5  ? -4.074  2.891   -4.114  1.00 0.00 ? 15 DA B "C1'"  1 
ATOM 454 N N9     . DA B 1 5  ? -2.913  3.051   -3.196  1.00 0.00 ? 15 DA B N9     1 
ATOM 455 C C8     . DA B 1 5  ? -2.524  4.136   -2.437  1.00 0.00 ? 15 DA B C8     1 
ATOM 456 N N7     . DA B 1 5  ? -1.431  3.964   -1.750  1.00 0.00 ? 15 DA B N7     1 
ATOM 457 C C5     . DA B 1 5  ? -1.072  2.654   -2.067  1.00 0.00 ? 15 DA B C5     1 
ATOM 458 C C6     . DA B 1 5  ? -0.003  1.815   -1.690  1.00 0.00 ? 15 DA B C6     1 
ATOM 459 N N6     . DA B 1 5  ? 0.975   2.190   -0.880  1.00 0.00 ? 15 DA B N6     1 
ATOM 460 N N1     . DA B 1 5  ? 0.069   0.567   -2.158  1.00 0.00 ? 15 DA B N1     1 
ATOM 461 C C2     . DA B 1 5  ? -0.876  0.145   -2.992  1.00 0.00 ? 15 DA B C2     1 
ATOM 462 N N3     . DA B 1 5  ? -1.933  0.822   -3.432  1.00 0.00 ? 15 DA B N3     1 
ATOM 463 C C4     . DA B 1 5  ? -1.969  2.088   -2.933  1.00 0.00 ? 15 DA B C4     1 
ATOM 464 H "H5'"  . DA B 1 5  ? -4.506  6.061   -6.422  1.00 0.00 ? 15 DA B "H5'"  1 
ATOM 465 H "H5''" . DA B 1 5  ? -6.243  6.153   -6.053  1.00 0.00 ? 15 DA B "H5''" 1 
ATOM 466 H "H4'"  . DA B 1 5  ? -5.557  3.813   -6.448  1.00 0.00 ? 15 DA B "H4'"  1 
ATOM 467 H "H3'"  . DA B 1 5  ? -6.973  4.626   -4.040  1.00 0.00 ? 15 DA B "H3'"  1 
ATOM 468 H "H2'"  . DA B 1 5  ? -5.214  4.028   -2.716  1.00 0.00 ? 15 DA B "H2'"  1 
ATOM 469 H "H2''" . DA B 1 5  ? -5.861  2.366   -3.023  1.00 0.00 ? 15 DA B "H2''" 1 
ATOM 470 H "H1'"  . DA B 1 5  ? -4.057  1.857   -4.506  1.00 0.00 ? 15 DA B "H1'"  1 
ATOM 471 H H8     . DA B 1 5  ? -3.049  5.074   -2.390  1.00 0.00 ? 15 DA B H8     1 
ATOM 472 H H61    . DA B 1 5  ? 1.749   1.552   -0.686  1.00 0.00 ? 15 DA B H61    1 
ATOM 473 H H62    . DA B 1 5  ? 0.950   3.123   -0.506  1.00 0.00 ? 15 DA B H62    1 
ATOM 474 H H2     . DA B 1 5  ? -0.784  -0.875  -3.342  1.00 0.00 ? 15 DA B H2     1 
ATOM 475 P P      . DT B 1 6  ? -8.382  2.108   -4.376  1.00 0.00 ? 16 DT B P      1 
ATOM 476 O OP1    . DT B 1 6  ? -9.411  1.751   -5.377  1.00 0.00 ? 16 DT B OP1    1 
ATOM 477 O OP2    . DT B 1 6  ? -8.757  2.852   -3.153  1.00 0.00 ? 16 DT B OP2    1 
ATOM 478 O "O5'"  . DT B 1 6  ? -7.609  0.768   -3.942  1.00 0.00 ? 16 DT B "O5'"  1 
ATOM 479 C "C5'"  . DT B 1 6  ? -7.036  -0.076  -4.921  1.00 0.00 ? 16 DT B "C5'"  1 
ATOM 480 C "C4'"  . DT B 1 6  ? -6.184  -1.154  -4.259  1.00 0.00 ? 16 DT B "C4'"  1 
ATOM 481 O "O4'"  . DT B 1 6  ? -5.082  -0.581  -3.570  1.00 0.00 ? 16 DT B "O4'"  1 
ATOM 482 C "C3'"  . DT B 1 6  ? -6.976  -2.030  -3.286  1.00 0.00 ? 16 DT B "C3'"  1 
ATOM 483 O "O3'"  . DT B 1 6  ? -7.100  -3.318  -3.862  1.00 0.00 ? 16 DT B "O3'"  1 
ATOM 484 C "C2'"  . DT B 1 6  ? -6.113  -1.970  -2.028  1.00 0.00 ? 16 DT B "C2'"  1 
ATOM 485 C "C1'"  . DT B 1 6  ? -4.762  -1.411  -2.467  1.00 0.00 ? 16 DT B "C1'"  1 
ATOM 486 N N1     . DT B 1 6  ? -4.126  -0.647  -1.358  1.00 0.00 ? 16 DT B N1     1 
ATOM 487 C C2     . DT B 1 6  ? -2.994  -1.195  -0.754  1.00 0.00 ? 16 DT B C2     1 
ATOM 488 O O2     . DT B 1 6  ? -2.560  -2.311  -1.016  1.00 0.00 ? 16 DT B O2     1 
ATOM 489 N N3     . DT B 1 6  ? -2.374  -0.422  0.197   1.00 0.00 ? 16 DT B N3     1 
ATOM 490 C C4     . DT B 1 6  ? -2.781  0.824   0.626   1.00 0.00 ? 16 DT B C4     1 
ATOM 491 O O4     . DT B 1 6  ? -2.094  1.409   1.457   1.00 0.00 ? 16 DT B O4     1 
ATOM 492 C C5     . DT B 1 6  ? -4.025  1.305   0.029   1.00 0.00 ? 16 DT B C5     1 
ATOM 493 C C7     . DT B 1 6  ? -4.584  2.656   0.475   1.00 0.00 ? 16 DT B C7     1 
ATOM 494 C C6     . DT B 1 6  ? -4.657  0.550   -0.917  1.00 0.00 ? 16 DT B C6     1 
ATOM 495 H "H5'"  . DT B 1 6  ? -6.398  0.505   -5.587  1.00 0.00 ? 16 DT B "H5'"  1 
ATOM 496 H "H5''" . DT B 1 6  ? -7.828  -0.546  -5.506  1.00 0.00 ? 16 DT B "H5''" 1 
ATOM 497 H "H4'"  . DT B 1 6  ? -5.788  -1.794  -5.044  1.00 0.00 ? 16 DT B "H4'"  1 
ATOM 498 H "H3'"  . DT B 1 6  ? -7.968  -1.617  -3.079  1.00 0.00 ? 16 DT B "H3'"  1 
ATOM 499 H "H2'"  . DT B 1 6  ? -6.595  -1.263  -1.347  1.00 0.00 ? 16 DT B "H2'"  1 
ATOM 500 H "H2''" . DT B 1 6  ? -5.975  -2.933  -1.552  1.00 0.00 ? 16 DT B "H2''" 1 
ATOM 501 H "H1'"  . DT B 1 6  ? -4.093  -2.226  -2.802  1.00 0.00 ? 16 DT B "H1'"  1 
ATOM 502 H H3     . DT B 1 6  ? -1.558  -0.836  0.637   1.00 0.00 ? 16 DT B H3     1 
ATOM 503 H H71    . DT B 1 6  ? -5.577  2.874   0.070   1.00 0.00 ? 16 DT B H71    1 
ATOM 504 H H72    . DT B 1 6  ? -4.640  2.683   1.564   1.00 0.00 ? 16 DT B H72    1 
ATOM 505 H H73    . DT B 1 6  ? -3.895  3.447   0.173   1.00 0.00 ? 16 DT B H73    1 
ATOM 506 H H6     . DT B 1 6  ? -5.592  0.847   -1.361  1.00 0.00 ? 16 DT B H6     1 
ATOM 507 P P      . DT B 1 7  ? -7.975  -4.499  -3.190  1.00 0.00 ? 17 DT B P      1 
ATOM 508 O OP1    . DT B 1 7  ? -8.334  -5.469  -4.248  1.00 0.00 ? 17 DT B OP1    1 
ATOM 509 O OP2    . DT B 1 7  ? -9.030  -3.893  -2.347  1.00 0.00 ? 17 DT B OP2    1 
ATOM 510 O "O5'"  . DT B 1 7  ? -6.892  -5.184  -2.224  1.00 0.00 ? 17 DT B "O5'"  1 
ATOM 511 C "C5'"  . DT B 1 7  ? -5.710  -5.765  -2.744  1.00 0.00 ? 17 DT B "C5'"  1 
ATOM 512 C "C4'"  . DT B 1 7  ? -4.788  -6.161  -1.594  1.00 0.00 ? 17 DT B "C4'"  1 
ATOM 513 O "O4'"  . DT B 1 7  ? -4.406  -4.996  -0.874  1.00 0.00 ? 17 DT B "O4'"  1 
ATOM 514 C "C3'"  . DT B 1 7  ? -5.445  -7.145  -0.631  1.00 0.00 ? 17 DT B "C3'"  1 
ATOM 515 O "O3'"  . DT B 1 7  ? -4.719  -8.366  -0.635  1.00 0.00 ? 17 DT B "O3'"  1 
ATOM 516 C "C2'"  . DT B 1 7  ? -5.378  -6.404  0.694   1.00 0.00 ? 17 DT B "C2'"  1 
ATOM 517 C "C1'"  . DT B 1 7  ? -4.347  -5.293  0.507   1.00 0.00 ? 17 DT B "C1'"  1 
ATOM 518 N N1     . DT B 1 7  ? -4.623  -4.062  1.304   1.00 0.00 ? 17 DT B N1     1 
ATOM 519 C C2     . DT B 1 7  ? -3.609  -3.621  2.157   1.00 0.00 ? 17 DT B C2     1 
ATOM 520 O O2     . DT B 1 7  ? -2.604  -4.276  2.415   1.00 0.00 ? 17 DT B O2     1 
ATOM 521 N N3     . DT B 1 7  ? -3.793  -2.395  2.745   1.00 0.00 ? 17 DT B N3     1 
ATOM 522 C C4     . DT B 1 7  ? -4.903  -1.589  2.630   1.00 0.00 ? 17 DT B C4     1 
ATOM 523 O O4     . DT B 1 7  ? -4.897  -0.514  3.224   1.00 0.00 ? 17 DT B O4     1 
ATOM 524 C C5     . DT B 1 7  ? -5.979  -2.144  1.799   1.00 0.00 ? 17 DT B C5     1 
ATOM 525 C C7     . DT B 1 7  ? -7.290  -1.368  1.642   1.00 0.00 ? 17 DT B C7     1 
ATOM 526 C C6     . DT B 1 7  ? -5.802  -3.346  1.175   1.00 0.00 ? 17 DT B C6     1 
ATOM 527 H "H5'"  . DT B 1 7  ? -5.189  -5.045  -3.377  1.00 0.00 ? 17 DT B "H5'"  1 
ATOM 528 H "H5''" . DT B 1 7  ? -5.963  -6.646  -3.336  1.00 0.00 ? 17 DT B "H5''" 1 
ATOM 529 H "H4'"  . DT B 1 7  ? -3.905  -6.641  -2.002  1.00 0.00 ? 17 DT B "H4'"  1 
ATOM 530 H "H3'"  . DT B 1 7  ? -6.489  -7.306  -0.908  1.00 0.00 ? 17 DT B "H3'"  1 
ATOM 531 H "H2'"  . DT B 1 7  ? -6.367  -6.033  0.899   1.00 0.00 ? 17 DT B "H2'"  1 
ATOM 532 H "H2''" . DT B 1 7  ? -5.089  -7.045  1.498   1.00 0.00 ? 17 DT B "H2''" 1 
ATOM 533 H "H1'"  . DT B 1 7  ? -3.348  -5.674  0.776   1.00 0.00 ? 17 DT B "H1'"  1 
ATOM 534 H H3     . DT B 1 7  ? -3.060  -2.102  3.384   1.00 0.00 ? 17 DT B H3     1 
ATOM 535 H H71    . DT B 1 7  ? -7.950  -1.769  0.865   1.00 0.00 ? 17 DT B H71    1 
ATOM 536 H H72    . DT B 1 7  ? -7.828  -1.360  2.592   1.00 0.00 ? 17 DT B H72    1 
ATOM 537 H H73    . DT B 1 7  ? -7.069  -0.331  1.390   1.00 0.00 ? 17 DT B H73    1 
ATOM 538 H H6     . DT B 1 7  ? -6.576  -3.768  0.550   1.00 0.00 ? 17 DT B H6     1 
ATOM 539 P P      . DC B 1 8  ? -5.182  -9.664  0.217   1.00 0.00 ? 18 DC B P      1 
ATOM 540 O OP1    . DC B 1 8  ? -4.618  -10.866 -0.434  1.00 0.00 ? 18 DC B OP1    1 
ATOM 541 O OP2    . DC B 1 8  ? -6.638  -9.572  0.462   1.00 0.00 ? 18 DC B OP2    1 
ATOM 542 O "O5'"  . DC B 1 8  ? -4.423  -9.448  1.624   1.00 0.00 ? 18 DC B "O5'"  1 
ATOM 543 C "C5'"  . DC B 1 8  ? -3.013  -9.556  1.721   1.00 0.00 ? 18 DC B "C5'"  1 
ATOM 544 C "C4'"  . DC B 1 8  ? -2.535  -9.214  3.134   1.00 0.00 ? 18 DC B "C4'"  1 
ATOM 545 O "O4'"  . DC B 1 8  ? -2.685  -7.827  3.407   1.00 0.00 ? 18 DC B "O4'"  1 
ATOM 546 C "C3'"  . DC B 1 8  ? -3.200  -10.040 4.238   1.00 0.00 ? 18 DC B "C3'"  1 
ATOM 547 O "O3'"  . DC B 1 8  ? -2.229  -10.903 4.817   1.00 0.00 ? 18 DC B "O3'"  1 
ATOM 548 C "C2'"  . DC B 1 8  ? -3.681  -8.951  5.195   1.00 0.00 ? 18 DC B "C2'"  1 
ATOM 549 C "C1'"  . DC B 1 8  ? -2.965  -7.652  4.782   1.00 0.00 ? 18 DC B "C1'"  1 
ATOM 550 N N1     . DC B 1 8  ? -3.813  -6.447  4.992   1.00 0.00 ? 18 DC B N1     1 
ATOM 551 C C2     . DC B 1 8  ? -3.353  -5.424  5.829   1.00 0.00 ? 18 DC B C2     1 
ATOM 552 O O2     . DC B 1 8  ? -2.309  -5.534  6.469   1.00 0.00 ? 18 DC B O2     1 
ATOM 553 N N3     . DC B 1 8  ? -4.072  -4.283  5.970   1.00 0.00 ? 18 DC B N3     1 
ATOM 554 C C4     . DC B 1 8  ? -5.223  -4.160  5.332   1.00 0.00 ? 18 DC B C4     1 
ATOM 555 N N4     . DC B 1 8  ? -5.866  -3.030  5.495   1.00 0.00 ? 18 DC B N4     1 
ATOM 556 C C5     . DC B 1 8  ? -5.756  -5.186  4.496   1.00 0.00 ? 18 DC B C5     1 
ATOM 557 C C6     . DC B 1 8  ? -5.029  -6.323  4.368   1.00 0.00 ? 18 DC B C6     1 
ATOM 558 H "H5'"  . DC B 1 8  ? -2.543  -8.874  1.014   1.00 0.00 ? 18 DC B "H5'"  1 
ATOM 559 H "H5''" . DC B 1 8  ? -2.715  -10.578 1.481   1.00 0.00 ? 18 DC B "H5''" 1 
ATOM 560 H "H4'"  . DC B 1 8  ? -1.469  -9.419  3.203   1.00 0.00 ? 18 DC B "H4'"  1 
ATOM 561 H "H3'"  . DC B 1 8  ? -4.039  -10.646 3.861   1.00 0.00 ? 18 DC B "H3'"  1 
ATOM 562 H "H2'"  . DC B 1 8  ? -4.803  -8.896  5.123   1.00 0.00 ? 18 DC B "H2'"  1 
ATOM 563 H "H2''" . DC B 1 8  ? -3.272  -9.168  6.173   1.00 0.00 ? 18 DC B "H2''" 1 
ATOM 564 H "H1'"  . DC B 1 8  ? -2.002  -7.516  5.344   1.00 0.00 ? 18 DC B "H1'"  1 
ATOM 565 H H41    . DC B 1 8  ? -5.431  -2.347  6.124   1.00 0.00 ? 18 DC B H41    1 
ATOM 566 H H42    . DC B 1 8  ? -6.761  -2.874  5.081   1.00 0.00 ? 18 DC B H42    1 
ATOM 567 H H5     . DC B 1 8  ? -6.697  -5.091  3.985   1.00 0.00 ? 18 DC B H5     1 
ATOM 568 H H6     . DC B 1 8  ? -5.395  -7.149  3.776   1.00 0.00 ? 18 DC B H6     1 
ATOM 569 P P      . DG B 1 9  ? -2.603  -12.019 5.932   1.00 0.00 ? 19 DG B P      1 
ATOM 570 O OP1    . DG B 1 9  ? -1.674  -13.159 5.767   1.00 0.00 ? 19 DG B OP1    1 
ATOM 571 O OP2    . DG B 1 9  ? -4.064  -12.251 5.902   1.00 0.00 ? 19 DG B OP2    1 
ATOM 572 O "O5'"  . DG B 1 9  ? -2.250  -11.280 7.320   1.00 0.00 ? 19 DG B "O5'"  1 
ATOM 573 C "C5'"  . DG B 1 9  ? -0.911  -10.986 7.682   1.00 0.00 ? 19 DG B "C5'"  1 
ATOM 574 C "C4'"  . DG B 1 9  ? -0.852  -10.303 9.053   1.00 0.00 ? 19 DG B "C4'"  1 
ATOM 575 O "O4'"  . DG B 1 9  ? -1.493  -9.037  8.964   1.00 0.00 ? 19 DG B "O4'"  1 
ATOM 576 C "C3'"  . DG B 1 9  ? -1.501  -11.134 10.165  1.00 0.00 ? 19 DG B "C3'"  1 
ATOM 577 O "O3'"  . DG B 1 9  ? -0.637  -11.051 11.295  1.00 0.00 ? 19 DG B "O3'"  1 
ATOM 578 C "C2'"  . DG B 1 9  ? -2.810  -10.358 10.366  1.00 0.00 ? 19 DG B "C2'"  1 
ATOM 579 C "C1'"  . DG B 1 9  ? -2.460  -8.906  9.988   1.00 0.00 ? 19 DG B "C1'"  1 
ATOM 580 N N9     . DG B 1 9  ? -3.590  -8.092  9.478   1.00 0.00 ? 19 DG B N9     1 
ATOM 581 C C8     . DG B 1 9  ? -4.581  -8.402  8.578   1.00 0.00 ? 19 DG B C8     1 
ATOM 582 N N7     . DG B 1 9  ? -5.376  -7.407  8.291   1.00 0.00 ? 19 DG B N7     1 
ATOM 583 C C5     . DG B 1 9  ? -4.897  -6.354  9.081   1.00 0.00 ? 19 DG B C5     1 
ATOM 584 C C6     . DG B 1 9  ? -5.350  -4.997  9.260   1.00 0.00 ? 19 DG B C6     1 
ATOM 585 O O6     . DG B 1 9  ? -6.279  -4.398  8.724   1.00 0.00 ? 19 DG B O6     1 
ATOM 586 N N1     . DG B 1 9  ? -4.613  -4.299  10.199  1.00 0.00 ? 19 DG B N1     1 
ATOM 587 C C2     . DG B 1 9  ? -3.557  -4.819  10.883  1.00 0.00 ? 19 DG B C2     1 
ATOM 588 N N2     . DG B 1 9  ? -2.972  -4.062  11.777  1.00 0.00 ? 19 DG B N2     1 
ATOM 589 N N3     . DG B 1 9  ? -3.104  -6.062  10.737  1.00 0.00 ? 19 DG B N3     1 
ATOM 590 C C4     . DG B 1 9  ? -3.816  -6.780  9.821   1.00 0.00 ? 19 DG B C4     1 
ATOM 591 H "H5'"  . DG B 1 9  ? -0.471  -10.323 6.935   1.00 0.00 ? 19 DG B "H5'"  1 
ATOM 592 H "H5''" . DG B 1 9  ? -0.335  -11.910 7.718   1.00 0.00 ? 19 DG B "H5''" 1 
ATOM 593 H "H4'"  . DG B 1 9  ? 0.185   -10.146 9.326   1.00 0.00 ? 19 DG B "H4'"  1 
ATOM 594 H "H3'"  . DG B 1 9  ? -1.632  -12.191 9.858   1.00 0.00 ? 19 DG B "H3'"  1 
ATOM 595 H "H2'"  . DG B 1 9  ? -3.558  -10.756 9.681   1.00 0.00 ? 19 DG B "H2'"  1 
ATOM 596 H "H2''" . DG B 1 9  ? -3.167  -10.446 11.385  1.00 0.00 ? 19 DG B "H2''" 1 
ATOM 597 H "H1'"  . DG B 1 9  ? -2.026  -8.347  10.837  1.00 0.00 ? 19 DG B "H1'"  1 
ATOM 598 H H8     . DG B 1 9  ? -4.688  -9.379  8.127   1.00 0.00 ? 19 DG B H8     1 
ATOM 599 H H1     . DG B 1 9  ? -4.916  -3.350  10.394  1.00 0.00 ? 19 DG B H1     1 
ATOM 600 H H21    . DG B 1 9  ? -3.290  -3.101  11.949  1.00 0.00 ? 19 DG B H21    1 
ATOM 601 H H22    . DG B 1 9  ? -2.210  -4.476  12.276  1.00 0.00 ? 19 DG B H22    1 
ATOM 602 P P      . DC B 1 10 ? -1.013  -11.591 12.779  1.00 0.00 ? 20 DC B P      1 
ATOM 603 O OP1    . DC B 1 10 ? 0.237   -12.025 13.439  1.00 0.00 ? 20 DC B OP1    1 
ATOM 604 O OP2    . DC B 1 10 ? -2.152  -12.530 12.673  1.00 0.00 ? 20 DC B OP2    1 
ATOM 605 O "O5'"  . DC B 1 10 ? -1.530  -10.245 13.516  1.00 0.00 ? 20 DC B "O5'"  1 
ATOM 606 C "C5'"  . DC B 1 10 ? -0.636  -9.174  13.780  1.00 0.00 ? 20 DC B "C5'"  1 
ATOM 607 C "C4'"  . DC B 1 10 ? -1.313  -7.993  14.487  1.00 0.00 ? 20 DC B "C4'"  1 
ATOM 608 O "O4'"  . DC B 1 10 ? -2.333  -7.460  13.654  1.00 0.00 ? 20 DC B "O4'"  1 
ATOM 609 C "C3'"  . DC B 1 10 ? -1.960  -8.347  15.836  1.00 0.00 ? 20 DC B "C3'"  1 
ATOM 610 O "O3'"  . DC B 1 10 ? -1.568  -7.409  16.824  1.00 0.00 ? 20 DC B "O3'"  1 
ATOM 611 C "C2'"  . DC B 1 10 ? -3.452  -8.201  15.557  1.00 0.00 ? 20 DC B "C2'"  1 
ATOM 612 C "C1'"  . DC B 1 10 ? -3.452  -7.133  14.460  1.00 0.00 ? 20 DC B "C1'"  1 
ATOM 613 N N1     . DC B 1 10 ? -4.679  -7.133  13.616  1.00 0.00 ? 20 DC B N1     1 
ATOM 614 C C2     . DC B 1 10 ? -5.416  -5.951  13.478  1.00 0.00 ? 20 DC B C2     1 
ATOM 615 O O2     . DC B 1 10 ? -5.168  -4.950  14.152  1.00 0.00 ? 20 DC B O2     1 
ATOM 616 N N3     . DC B 1 10 ? -6.442  -5.891  12.593  1.00 0.00 ? 20 DC B N3     1 
ATOM 617 C C4     . DC B 1 10 ? -6.749  -6.960  11.878  1.00 0.00 ? 20 DC B C4     1 
ATOM 618 N N4     . DC B 1 10 ? -7.709  -6.823  10.998  1.00 0.00 ? 20 DC B N4     1 
ATOM 619 C C5     . DC B 1 10 ? -6.068  -8.204  12.018  1.00 0.00 ? 20 DC B C5     1 
ATOM 620 C C6     . DC B 1 10 ? -5.043  -8.250  12.903  1.00 0.00 ? 20 DC B C6     1 
ATOM 621 H "H5'"  . DC B 1 10 ? -0.216  -8.819  12.838  1.00 0.00 ? 20 DC B "H5'"  1 
ATOM 622 H "H5''" . DC B 1 10 ? 0.180   -9.534  14.408  1.00 0.00 ? 20 DC B "H5''" 1 
ATOM 623 H "H4'"  . DC B 1 10 ? -0.555  -7.228  14.658  1.00 0.00 ? 20 DC B "H4'"  1 
ATOM 624 H "H3'"  . DC B 1 10 ? -1.712  -9.366  16.145  1.00 0.00 ? 20 DC B "H3'"  1 
ATOM 625 H "HO3'" . DC B 1 10 ? -1.978  -7.635  17.664  1.00 0.00 ? 20 DC B "HO3'" 1 
ATOM 626 H "H2'"  . DC B 1 10 ? -3.837  -9.151  15.187  1.00 0.00 ? 20 DC B "H2'"  1 
ATOM 627 H "H2''" . DC B 1 10 ? -4.013  -7.878  16.435  1.00 0.00 ? 20 DC B "H2''" 1 
ATOM 628 H "H1'"  . DC B 1 10 ? -3.300  -6.147  14.920  1.00 0.00 ? 20 DC B "H1'"  1 
ATOM 629 H H41    . DC B 1 10 ? -8.145  -5.898  10.936  1.00 0.00 ? 20 DC B H41    1 
ATOM 630 H H42    . DC B 1 10 ? -7.918  -7.553  10.345  1.00 0.00 ? 20 DC B H42    1 
ATOM 631 H H5     . DC B 1 10 ? -6.337  -9.078  11.446  1.00 0.00 ? 20 DC B H5     1 
ATOM 632 H H6     . DC B 1 10 ? -4.487  -9.163  13.049  1.00 0.00 ? 20 DC B H6     1 
# 
